data_3UR4
#
_entry.id   3UR4
#
_cell.length_a   134.829
_cell.length_b   47.002
_cell.length_c   112.904
_cell.angle_alpha   90.00
_cell.angle_beta   117.90
_cell.angle_gamma   90.00
#
_symmetry.space_group_name_H-M   'C 1 2 1'
#
loop_
_entity.id
_entity.type
_entity.pdbx_description
1 polymer 'WD repeat-containing protein 5'
2 non-polymer 'methyl 3-[(3-methoxybenzoyl)amino]-4-(4-methylpiperazin-1-yl)benzoate'
3 non-polymer 1,2-ETHANEDIOL
4 non-polymer 'CHLORIDE ION'
5 non-polymer 'SULFATE ION'
6 non-polymer 'UNKNOWN ATOM OR ION'
7 water water
#
_entity_poly.entity_id   1
_entity_poly.type   'polypeptide(L)'
_entity_poly.pdbx_seq_one_letter_code
;GTQSKPTPVKPNYALKFTLAGHTKAVSSVKFSPNGEWLASSSADKLIKIWGAYDGKFEKTISGHKLGISDVAWSSDSNLL
VSASDDKTLKIWDVSSGKCLKTLKGHSNYVFCCNFNPQSNLIVSGSFDESVRIWDVKTGKCLKTLPAHSDPVSAVHFNRD
GSLIVSSSYDGLCRIWDTASGQCLKTLIDDDNPPVSFVKFSPNGKYILAATLDNTLKLWDYSKGKCLKTYTGHKNEKYCI
FANFSVTGGKWIVSGSEDNLVYIWNLQTKEIVQKLQGHTDVVISTACHPTENIIASAALENDKTIKLWKSDC
;
_entity_poly.pdbx_strand_id   A,B
#
loop_
_chem_comp.id
_chem_comp.type
_chem_comp.name
_chem_comp.formula
0BW non-polymer 'methyl 3-[(3-methoxybenzoyl)amino]-4-(4-methylpiperazin-1-yl)benzoate' 'C21 H25 N3 O4'
CL non-polymer 'CHLORIDE ION' 'Cl -1'
EDO non-polymer 1,2-ETHANEDIOL 'C2 H6 O2'
SO4 non-polymer 'SULFATE ION' 'O4 S -2'
UNX non-polymer 'UNKNOWN ATOM OR ION' ?
#
# COMPACT_ATOMS: atom_id res chain seq x y z
N VAL A 9 7.88 -0.32 -3.33
CA VAL A 9 7.00 0.88 -3.27
C VAL A 9 6.76 1.34 -1.82
N LYS A 10 6.32 0.43 -0.96
CA LYS A 10 6.14 0.72 0.47
C LYS A 10 6.69 -0.40 1.35
N PRO A 11 7.48 -0.05 2.39
CA PRO A 11 7.99 -1.06 3.31
C PRO A 11 6.90 -1.55 4.26
N ASN A 12 7.13 -2.69 4.91
CA ASN A 12 6.16 -3.25 5.85
C ASN A 12 6.80 -3.64 7.18
N TYR A 13 7.59 -2.72 7.75
CA TYR A 13 8.22 -2.92 9.04
C TYR A 13 7.21 -3.34 10.11
N ALA A 14 7.53 -4.43 10.79
CA ALA A 14 6.73 -4.95 11.88
C ALA A 14 7.63 -5.22 13.07
N LEU A 15 7.07 -5.09 14.26
CA LEU A 15 7.84 -5.25 15.49
C LEU A 15 8.29 -6.68 15.72
N LYS A 16 9.60 -6.86 15.93
CA LYS A 16 10.17 -8.17 16.19
C LYS A 16 10.59 -8.34 17.65
N PHE A 17 11.25 -7.33 18.21
CA PHE A 17 11.70 -7.38 19.61
C PHE A 17 11.57 -6.04 20.32
N THR A 18 11.29 -6.09 21.61
CA THR A 18 11.38 -4.94 22.49
C THR A 18 12.47 -5.23 23.51
N LEU A 19 13.49 -4.37 23.55
CA LEU A 19 14.67 -4.60 24.37
C LEU A 19 14.62 -3.70 25.61
N ALA A 20 14.40 -4.34 26.76
CA ALA A 20 14.30 -3.66 28.03
C ALA A 20 15.58 -3.85 28.83
N GLY A 21 15.94 -2.83 29.61
CA GLY A 21 17.13 -2.92 30.43
C GLY A 21 17.63 -1.58 30.93
N HIS A 22 17.54 -0.55 30.09
CA HIS A 22 17.91 0.80 30.53
C HIS A 22 16.91 1.33 31.55
N THR A 23 17.42 2.10 32.51
CA THR A 23 16.60 2.56 33.64
C THR A 23 16.26 4.05 33.54
N LYS A 24 16.82 4.70 32.52
CA LYS A 24 16.44 6.07 32.15
C LYS A 24 16.26 6.16 30.63
N ALA A 25 15.96 7.36 30.14
CA ALA A 25 15.83 7.60 28.69
C ALA A 25 16.99 7.00 27.90
N VAL A 26 16.66 6.38 26.76
CA VAL A 26 17.69 5.92 25.83
C VAL A 26 18.00 7.09 24.92
N SER A 27 19.27 7.26 24.58
CA SER A 27 19.69 8.41 23.77
C SER A 27 20.07 8.06 22.34
N SER A 28 20.62 6.87 22.13
CA SER A 28 21.21 6.54 20.84
C SER A 28 21.32 5.04 20.65
N VAL A 29 20.96 4.57 19.46
CA VAL A 29 21.22 3.17 19.07
C VAL A 29 22.01 3.15 17.77
N LYS A 30 22.97 2.23 17.68
CA LYS A 30 23.81 2.08 16.49
C LYS A 30 24.12 0.62 16.21
N PHE A 31 23.95 0.20 14.95
CA PHE A 31 24.35 -1.14 14.53
C PHE A 31 25.84 -1.16 14.23
N SER A 32 26.53 -2.20 14.69
CA SER A 32 27.93 -2.41 14.34
C SER A 32 28.04 -2.55 12.82
N PRO A 33 29.17 -2.08 12.24
CA PRO A 33 29.34 -2.14 10.78
C PRO A 33 29.25 -3.58 10.23
N ASN A 34 29.64 -4.56 11.05
CA ASN A 34 29.52 -5.98 10.65
C ASN A 34 28.11 -6.57 10.80
N GLY A 35 27.14 -5.75 11.21
CA GLY A 35 25.75 -6.17 11.33
C GLY A 35 25.39 -7.02 12.54
N GLU A 36 26.39 -7.40 13.34
CA GLU A 36 26.21 -8.40 14.39
C GLU A 36 25.52 -7.86 15.65
N TRP A 37 25.80 -6.60 15.97
CA TRP A 37 25.42 -6.03 17.26
C TRP A 37 24.63 -4.74 17.13
N LEU A 38 23.85 -4.45 18.18
CA LEU A 38 23.34 -3.12 18.41
C LEU A 38 23.96 -2.59 19.69
N ALA A 39 24.45 -1.35 19.66
CA ALA A 39 24.89 -0.65 20.85
C ALA A 39 23.86 0.41 21.20
N SER A 40 23.56 0.52 22.50
CA SER A 40 22.66 1.57 22.99
C SER A 40 23.32 2.38 24.11
N SER A 41 23.00 3.67 24.18
CA SER A 41 23.46 4.51 25.27
C SER A 41 22.25 5.17 25.93
N SER A 42 22.44 5.62 27.16
CA SER A 42 21.31 6.10 27.96
C SER A 42 21.71 7.14 29.01
N ALA A 43 20.71 7.91 29.43
CA ALA A 43 20.86 8.81 30.58
C ALA A 43 21.25 8.05 31.85
N ASP A 44 21.06 6.73 31.85
CA ASP A 44 21.41 5.92 33.03
C ASP A 44 22.92 5.66 33.19
N LYS A 45 23.73 6.33 32.35
CA LYS A 45 25.20 6.25 32.38
C LYS A 45 25.78 4.95 31.75
N LEU A 46 24.92 4.16 31.12
CA LEU A 46 25.33 2.84 30.66
C LEU A 46 25.28 2.70 29.15
N ILE A 47 26.19 1.87 28.65
CA ILE A 47 26.14 1.36 27.28
C ILE A 47 25.72 -0.11 27.37
N LYS A 48 24.76 -0.50 26.53
CA LYS A 48 24.37 -1.91 26.44
C LYS A 48 24.55 -2.45 25.02
N ILE A 49 24.94 -3.72 24.93
CA ILE A 49 25.17 -4.39 23.67
C ILE A 49 24.13 -5.50 23.53
N TRP A 50 23.49 -5.57 22.35
CA TRP A 50 22.42 -6.52 22.08
C TRP A 50 22.65 -7.21 20.75
N GLY A 51 22.22 -8.46 20.64
CA GLY A 51 22.30 -9.17 19.36
C GLY A 51 21.36 -8.51 18.36
N ALA A 52 21.89 -8.18 17.18
CA ALA A 52 21.08 -7.46 16.18
C ALA A 52 19.92 -8.27 15.62
N TYR A 53 20.07 -9.60 15.63
CA TYR A 53 19.14 -10.47 14.93
C TYR A 53 18.17 -11.19 15.86
N ASP A 54 18.63 -11.48 17.07
CA ASP A 54 17.78 -12.14 18.07
C ASP A 54 17.41 -11.22 19.25
N GLY A 55 17.93 -10.00 19.23
CA GLY A 55 17.66 -9.00 20.27
C GLY A 55 18.15 -9.37 21.65
N LYS A 56 18.99 -10.42 21.74
CA LYS A 56 19.46 -10.92 23.01
C LYS A 56 20.46 -9.98 23.66
N PHE A 57 20.17 -9.59 24.90
CA PHE A 57 21.09 -8.77 25.67
C PHE A 57 22.44 -9.47 25.82
N GLU A 58 23.51 -8.72 25.56
CA GLU A 58 24.86 -9.29 25.59
C GLU A 58 25.66 -8.87 26.82
N LYS A 59 25.80 -7.56 27.02
CA LYS A 59 26.55 -7.01 28.15
C LYS A 59 26.26 -5.53 28.40
N THR A 60 26.62 -5.08 29.60
CA THR A 60 26.57 -3.67 29.97
C THR A 60 28.00 -3.16 30.08
N ILE A 61 28.25 -1.99 29.50
CA ILE A 61 29.55 -1.34 29.56
C ILE A 61 29.41 -0.06 30.41
N SER A 62 30.18 0.02 31.48
N SER A 62 30.17 0.02 31.50
CA SER A 62 30.04 1.10 32.47
CA SER A 62 30.04 1.10 32.47
C SER A 62 31.36 1.82 32.75
C SER A 62 31.36 1.82 32.74
N GLY A 63 31.26 3.08 33.19
CA GLY A 63 32.43 3.88 33.53
C GLY A 63 32.15 5.37 33.54
N HIS A 64 31.24 5.83 32.69
CA HIS A 64 30.87 7.24 32.67
C HIS A 64 30.23 7.65 34.00
N LYS A 65 30.50 8.86 34.46
CA LYS A 65 30.02 9.35 35.74
C LYS A 65 28.66 10.03 35.63
N LEU A 66 28.28 10.35 34.41
CA LEU A 66 26.99 10.95 34.12
C LEU A 66 26.41 10.34 32.85
N GLY A 67 25.20 10.79 32.49
CA GLY A 67 24.46 10.24 31.36
C GLY A 67 25.20 10.35 30.03
N ILE A 68 24.78 9.52 29.08
CA ILE A 68 25.44 9.41 27.77
C ILE A 68 24.45 9.80 26.68
N SER A 69 24.86 10.69 25.76
CA SER A 69 24.00 11.13 24.64
C SER A 69 24.21 10.33 23.36
N ASP A 70 25.38 9.74 23.19
CA ASP A 70 25.72 9.14 21.89
C ASP A 70 26.77 8.06 22.01
N VAL A 71 26.75 7.13 21.06
N VAL A 71 26.72 7.12 21.08
CA VAL A 71 27.72 6.05 20.97
CA VAL A 71 27.73 6.08 20.95
C VAL A 71 27.96 5.77 19.49
C VAL A 71 28.01 5.91 19.47
N ALA A 72 29.18 5.37 19.14
CA ALA A 72 29.54 5.11 17.73
C ALA A 72 30.58 4.00 17.65
N TRP A 73 30.51 3.24 16.55
CA TRP A 73 31.35 2.06 16.33
C TRP A 73 32.56 2.37 15.46
N SER A 74 33.68 1.70 15.74
CA SER A 74 34.80 1.69 14.80
C SER A 74 34.44 0.78 13.61
N SER A 75 35.13 0.97 12.48
N SER A 75 35.14 0.97 12.49
CA SER A 75 34.81 0.25 11.24
CA SER A 75 34.83 0.26 11.24
C SER A 75 34.98 -1.27 11.33
C SER A 75 35.01 -1.26 11.30
N ASP A 76 35.89 -1.72 12.20
CA ASP A 76 36.11 -3.17 12.38
C ASP A 76 35.19 -3.78 13.45
N SER A 77 34.25 -2.98 13.95
CA SER A 77 33.26 -3.40 14.96
C SER A 77 33.86 -3.79 16.31
N ASN A 78 35.12 -3.44 16.55
CA ASN A 78 35.80 -3.83 17.78
C ASN A 78 35.75 -2.77 18.89
N LEU A 79 35.63 -1.52 18.48
CA LEU A 79 35.67 -0.40 19.42
C LEU A 79 34.37 0.41 19.39
N LEU A 80 34.09 1.05 20.51
CA LEU A 80 33.00 2.00 20.63
C LEU A 80 33.55 3.29 21.22
N VAL A 81 32.95 4.41 20.83
CA VAL A 81 33.18 5.66 21.54
C VAL A 81 31.85 6.18 22.05
N SER A 82 31.86 6.76 23.24
CA SER A 82 30.64 7.32 23.84
C SER A 82 30.85 8.78 24.21
N ALA A 83 29.75 9.54 24.18
CA ALA A 83 29.78 10.98 24.49
C ALA A 83 28.87 11.27 25.68
N SER A 84 29.42 11.89 26.73
CA SER A 84 28.72 11.99 28.01
C SER A 84 28.61 13.39 28.60
N ASP A 85 27.61 13.56 29.47
CA ASP A 85 27.42 14.76 30.26
C ASP A 85 28.59 15.00 31.24
N ASP A 86 29.43 13.98 31.46
CA ASP A 86 30.59 14.12 32.33
C ASP A 86 31.75 14.87 31.66
N LYS A 87 31.46 15.41 30.47
CA LYS A 87 32.38 16.24 29.69
C LYS A 87 33.45 15.45 28.95
N THR A 88 33.37 14.12 29.04
CA THR A 88 34.36 13.25 28.38
C THR A 88 33.74 12.41 27.28
N LEU A 89 34.60 11.92 26.40
CA LEU A 89 34.30 10.74 25.61
C LEU A 89 35.13 9.58 26.13
N LYS A 90 34.63 8.36 25.98
CA LYS A 90 35.42 7.20 26.34
C LYS A 90 35.51 6.27 25.15
N ILE A 91 36.69 5.70 24.95
CA ILE A 91 36.90 4.67 23.95
C ILE A 91 36.88 3.30 24.64
N TRP A 92 36.07 2.40 24.11
CA TRP A 92 35.84 1.10 24.73
C TRP A 92 36.25 -0.05 23.82
N ASP A 93 36.85 -1.08 24.40
CA ASP A 93 36.99 -2.36 23.73
C ASP A 93 35.72 -3.15 24.02
N VAL A 94 34.94 -3.43 22.97
CA VAL A 94 33.64 -4.07 23.13
C VAL A 94 33.74 -5.48 23.73
N SER A 95 34.71 -6.28 23.26
N SER A 95 34.70 -6.27 23.24
CA SER A 95 34.89 -7.65 23.74
CA SER A 95 34.91 -7.64 23.73
C SER A 95 35.25 -7.72 25.24
C SER A 95 35.23 -7.71 25.23
N SER A 96 36.11 -6.82 25.70
CA SER A 96 36.52 -6.80 27.11
C SER A 96 35.62 -5.94 28.00
N GLY A 97 34.93 -4.97 27.41
CA GLY A 97 34.15 -3.98 28.17
C GLY A 97 34.99 -2.90 28.83
N LYS A 98 36.29 -2.91 28.56
CA LYS A 98 37.21 -1.99 29.24
C LYS A 98 37.31 -0.65 28.54
N CYS A 99 37.42 0.40 29.35
CA CYS A 99 37.71 1.74 28.85
C CYS A 99 39.18 1.83 28.49
N LEU A 100 39.46 2.05 27.22
CA LEU A 100 40.83 2.13 26.72
C LEU A 100 41.42 3.53 26.89
N LYS A 101 40.59 4.54 26.65
CA LYS A 101 40.99 5.95 26.76
C LYS A 101 39.81 6.79 27.24
N THR A 102 40.12 7.83 28.02
CA THR A 102 39.14 8.87 28.34
C THR A 102 39.58 10.17 27.67
N LEU A 103 38.72 10.69 26.80
CA LEU A 103 39.04 11.85 25.97
C LEU A 103 38.61 13.12 26.68
N LYS A 104 39.59 13.88 27.17
CA LYS A 104 39.35 15.04 28.01
C LYS A 104 39.74 16.32 27.28
N GLY A 105 38.86 17.31 27.33
CA GLY A 105 39.09 18.58 26.66
C GLY A 105 37.85 19.46 26.60
N HIS A 106 36.70 18.87 26.30
CA HIS A 106 35.45 19.63 26.29
C HIS A 106 35.18 20.24 27.67
N SER A 107 34.56 21.42 27.68
CA SER A 107 34.31 22.13 28.94
C SER A 107 32.85 22.03 29.38
N ASN A 108 32.06 21.27 28.63
CA ASN A 108 30.68 20.98 29.02
C ASN A 108 30.22 19.65 28.41
N TYR A 109 28.91 19.36 28.50
CA TYR A 109 28.36 18.08 28.03
C TYR A 109 28.82 17.77 26.61
N VAL A 110 29.22 16.52 26.37
CA VAL A 110 29.49 16.05 25.01
C VAL A 110 28.22 15.36 24.49
N PHE A 111 27.77 15.78 23.31
CA PHE A 111 26.47 15.36 22.78
C PHE A 111 26.54 14.36 21.63
N CYS A 112 27.64 14.38 20.87
CA CYS A 112 27.72 13.59 19.64
C CYS A 112 29.14 13.14 19.31
N CYS A 113 29.26 12.01 18.64
CA CYS A 113 30.57 11.42 18.32
C CYS A 113 30.51 10.46 17.14
N ASN A 114 31.64 10.32 16.46
CA ASN A 114 31.81 9.38 15.36
C ASN A 114 33.28 9.06 15.12
N PHE A 115 33.57 7.81 14.74
CA PHE A 115 34.88 7.46 14.18
C PHE A 115 34.89 7.86 12.71
N ASN A 116 36.08 8.12 12.17
CA ASN A 116 36.22 8.19 10.72
C ASN A 116 36.31 6.77 10.13
N PRO A 117 36.16 6.64 8.80
CA PRO A 117 36.19 5.33 8.14
C PRO A 117 37.43 4.50 8.49
N GLN A 118 38.61 5.13 8.52
CA GLN A 118 39.85 4.47 8.96
C GLN A 118 39.80 4.11 10.45
N SER A 119 39.05 4.92 11.22
CA SER A 119 38.89 4.77 12.67
C SER A 119 40.16 5.11 13.48
N ASN A 120 41.06 5.88 12.87
CA ASN A 120 42.19 6.44 13.59
C ASN A 120 41.80 7.74 14.27
N LEU A 121 40.63 8.28 13.90
CA LEU A 121 40.15 9.54 14.46
C LEU A 121 38.73 9.42 15.01
N ILE A 122 38.45 10.27 16.00
CA ILE A 122 37.10 10.48 16.50
C ILE A 122 36.78 11.97 16.41
N VAL A 123 35.57 12.28 15.96
CA VAL A 123 35.04 13.64 16.01
C VAL A 123 33.95 13.74 17.08
N SER A 124 33.93 14.87 17.79
CA SER A 124 32.92 15.10 18.83
C SER A 124 32.32 16.49 18.75
N GLY A 125 31.08 16.61 19.22
CA GLY A 125 30.41 17.90 19.33
C GLY A 125 29.86 18.07 20.73
N SER A 126 29.90 19.31 21.23
CA SER A 126 29.61 19.59 22.64
C SER A 126 28.71 20.81 22.86
N PHE A 127 28.04 20.81 24.01
CA PHE A 127 27.38 22.01 24.54
C PHE A 127 28.34 23.21 24.52
N ASP A 128 29.63 22.96 24.67
CA ASP A 128 30.63 24.04 24.72
C ASP A 128 30.87 24.76 23.38
N GLU A 129 30.14 24.33 22.34
CA GLU A 129 30.09 25.01 21.03
C GLU A 129 31.27 24.67 20.12
N SER A 130 32.10 23.73 20.57
CA SER A 130 33.24 23.29 19.79
C SER A 130 33.02 21.91 19.17
N VAL A 131 33.78 21.66 18.12
CA VAL A 131 33.92 20.34 17.53
C VAL A 131 35.40 20.00 17.76
N ARG A 132 35.66 18.81 18.31
N ARG A 132 35.66 18.81 18.31
CA ARG A 132 37.02 18.36 18.53
CA ARG A 132 37.03 18.37 18.53
C ARG A 132 37.36 17.11 17.72
C ARG A 132 37.36 17.11 17.73
N ILE A 133 38.61 17.04 17.27
CA ILE A 133 39.11 15.89 16.52
C ILE A 133 40.17 15.21 17.39
N TRP A 134 39.98 13.91 17.65
CA TRP A 134 40.81 13.17 18.60
C TRP A 134 41.61 12.05 17.93
N ASP A 135 42.83 11.81 18.42
CA ASP A 135 43.62 10.68 17.99
C ASP A 135 43.25 9.44 18.80
N VAL A 136 42.72 8.42 18.14
CA VAL A 136 42.23 7.21 18.81
C VAL A 136 43.35 6.51 19.60
N LYS A 137 44.52 6.35 18.98
CA LYS A 137 45.64 5.64 19.61
C LYS A 137 46.17 6.31 20.88
N THR A 138 46.40 7.61 20.83
CA THR A 138 46.94 8.35 21.97
C THR A 138 45.86 8.82 22.93
N GLY A 139 44.64 9.00 22.42
CA GLY A 139 43.56 9.55 23.21
C GLY A 139 43.66 11.05 23.42
N LYS A 140 44.52 11.71 22.65
CA LYS A 140 44.72 13.15 22.79
C LYS A 140 43.96 13.92 21.71
N CYS A 141 43.58 15.16 22.05
CA CYS A 141 42.88 16.03 21.13
C CYS A 141 43.85 16.60 20.09
N LEU A 142 43.54 16.38 18.82
CA LEU A 142 44.38 16.87 17.73
C LEU A 142 44.01 18.30 17.34
N LYS A 143 42.72 18.57 17.26
CA LYS A 143 42.22 19.88 16.84
C LYS A 143 40.99 20.27 17.64
N THR A 144 40.85 21.56 17.93
CA THR A 144 39.63 22.12 18.48
C THR A 144 39.09 23.16 17.51
N LEU A 145 37.93 22.88 16.92
CA LEU A 145 37.31 23.78 15.96
C LEU A 145 36.29 24.65 16.68
N PRO A 146 36.46 25.99 16.60
CA PRO A 146 35.48 26.89 17.19
C PRO A 146 34.30 26.94 16.23
N ALA A 147 33.53 25.85 16.22
CA ALA A 147 32.66 25.53 15.09
C ALA A 147 31.37 26.30 15.05
N HIS A 148 30.83 26.60 16.22
CA HIS A 148 29.48 27.12 16.33
C HIS A 148 29.35 28.12 17.50
N SER A 149 28.21 28.80 17.57
CA SER A 149 27.95 29.79 18.63
C SER A 149 26.80 29.38 19.55
N ASP A 150 26.46 28.09 19.51
CA ASP A 150 25.49 27.46 20.40
C ASP A 150 25.83 25.96 20.44
N PRO A 151 25.17 25.19 21.33
CA PRO A 151 25.46 23.74 21.39
C PRO A 151 25.49 23.02 20.04
N VAL A 152 26.48 22.14 19.89
CA VAL A 152 26.65 21.31 18.70
C VAL A 152 25.82 20.02 18.87
N SER A 153 24.86 19.82 17.96
CA SER A 153 23.93 18.69 18.06
C SER A 153 24.38 17.39 17.39
N ALA A 154 25.19 17.51 16.33
CA ALA A 154 25.63 16.34 15.54
C ALA A 154 26.97 16.61 14.85
N VAL A 155 27.76 15.54 14.69
CA VAL A 155 29.00 15.53 13.91
C VAL A 155 29.11 14.22 13.14
N HIS A 156 29.57 14.27 11.90
CA HIS A 156 29.62 13.09 11.05
C HIS A 156 30.70 13.21 9.98
N PHE A 157 31.48 12.15 9.81
CA PHE A 157 32.47 12.07 8.73
C PHE A 157 31.80 11.61 7.44
N ASN A 158 32.26 12.14 6.31
CA ASN A 158 31.86 11.63 5.00
C ASN A 158 32.50 10.27 4.69
N ARG A 159 32.23 9.76 3.49
CA ARG A 159 32.58 8.38 3.11
C ARG A 159 34.04 7.98 3.34
N ASP A 160 34.96 8.92 3.12
CA ASP A 160 36.39 8.66 3.26
C ASP A 160 37.03 9.42 4.43
N GLY A 161 36.22 10.14 5.19
CA GLY A 161 36.69 10.88 6.36
C GLY A 161 37.37 12.21 6.05
N SER A 162 37.40 12.60 4.78
CA SER A 162 38.03 13.86 4.37
C SER A 162 37.26 15.10 4.84
N LEU A 163 35.96 14.93 5.10
CA LEU A 163 35.09 16.01 5.54
C LEU A 163 34.36 15.66 6.81
N ILE A 164 34.08 16.69 7.61
CA ILE A 164 33.20 16.59 8.77
C ILE A 164 32.02 17.53 8.56
N VAL A 165 30.80 17.04 8.76
CA VAL A 165 29.63 17.92 8.82
C VAL A 165 29.18 18.10 10.29
N SER A 166 28.89 19.35 10.67
CA SER A 166 28.38 19.66 12.01
C SER A 166 27.08 20.45 11.95
N SER A 167 26.27 20.33 13.02
CA SER A 167 25.04 21.09 13.14
C SER A 167 24.96 21.69 14.53
N SER A 168 24.21 22.78 14.67
CA SER A 168 24.14 23.48 15.93
C SER A 168 22.81 24.18 16.16
N TYR A 169 22.51 24.42 17.43
CA TYR A 169 21.42 25.28 17.84
C TYR A 169 21.56 26.72 17.35
N ASP A 170 22.73 27.08 16.81
CA ASP A 170 22.92 28.42 16.23
C ASP A 170 22.24 28.55 14.86
N GLY A 171 21.69 27.44 14.37
CA GLY A 171 20.90 27.44 13.14
C GLY A 171 21.73 27.11 11.92
N LEU A 172 23.00 26.75 12.14
CA LEU A 172 23.90 26.52 11.03
C LEU A 172 24.30 25.06 10.85
N CYS A 173 24.52 24.69 9.59
N CYS A 173 24.51 24.69 9.58
CA CYS A 173 25.20 23.45 9.23
CA CYS A 173 25.20 23.47 9.20
C CYS A 173 26.53 23.82 8.56
C CYS A 173 26.53 23.88 8.60
N ARG A 174 27.62 23.31 9.09
CA ARG A 174 28.95 23.63 8.58
C ARG A 174 29.72 22.40 8.14
N ILE A 175 30.50 22.57 7.07
CA ILE A 175 31.33 21.48 6.56
C ILE A 175 32.80 21.84 6.71
N TRP A 176 33.56 20.91 7.28
CA TRP A 176 34.95 21.13 7.67
C TRP A 176 35.87 20.19 6.92
N ASP A 177 37.03 20.71 6.53
CA ASP A 177 38.11 19.90 5.99
C ASP A 177 38.79 19.23 7.17
N THR A 178 38.73 17.90 7.22
CA THR A 178 39.28 17.16 8.35
C THR A 178 40.77 17.44 8.58
N ALA A 179 41.55 17.41 7.50
CA ALA A 179 43.01 17.53 7.60
C ALA A 179 43.47 18.87 8.19
N SER A 180 42.85 19.97 7.75
CA SER A 180 43.26 21.31 8.16
C SER A 180 42.42 21.92 9.27
N GLY A 181 41.19 21.42 9.42
CA GLY A 181 40.23 21.98 10.38
C GLY A 181 39.52 23.20 9.85
N GLN A 182 39.79 23.55 8.59
CA GLN A 182 39.21 24.75 8.00
C GLN A 182 37.75 24.52 7.58
N CYS A 183 36.92 25.54 7.75
CA CYS A 183 35.53 25.47 7.31
C CYS A 183 35.47 25.64 5.80
N LEU A 184 34.84 24.68 5.13
CA LEU A 184 34.72 24.71 3.68
C LEU A 184 33.42 25.35 3.21
N LYS A 185 32.39 25.25 4.04
CA LYS A 185 31.05 25.69 3.67
C LYS A 185 30.13 25.83 4.87
N THR A 186 29.33 26.89 4.86
CA THR A 186 28.18 27.02 5.73
C THR A 186 26.96 27.00 4.82
N LEU A 187 26.04 26.07 5.06
CA LEU A 187 24.83 26.00 4.25
C LEU A 187 23.98 27.25 4.43
N ILE A 188 23.51 27.80 3.32
CA ILE A 188 22.72 29.03 3.32
C ILE A 188 21.23 28.70 3.28
N ASP A 189 20.51 29.11 4.32
CA ASP A 189 19.06 28.90 4.38
C ASP A 189 18.36 30.20 4.71
N ASP A 191 16.16 31.20 6.89
CA ASP A 191 15.86 31.19 8.32
C ASP A 191 16.92 30.37 9.07
N ASN A 192 16.95 30.51 10.40
CA ASN A 192 17.92 29.79 11.20
C ASN A 192 17.37 29.11 12.45
N PRO A 193 16.35 28.24 12.30
CA PRO A 193 15.94 27.45 13.46
C PRO A 193 17.07 26.48 13.84
N PRO A 194 17.13 26.06 15.12
CA PRO A 194 18.18 25.13 15.50
C PRO A 194 18.27 23.93 14.55
N VAL A 195 19.50 23.59 14.16
CA VAL A 195 19.74 22.38 13.38
C VAL A 195 20.08 21.29 14.40
N SER A 196 19.21 20.30 14.48
CA SER A 196 19.22 19.31 15.57
C SER A 196 19.91 18.00 15.19
N PHE A 197 20.20 17.84 13.90
CA PHE A 197 20.79 16.61 13.38
C PHE A 197 21.32 16.83 11.98
N VAL A 198 22.46 16.20 11.69
N VAL A 198 22.51 16.28 11.71
CA VAL A 198 23.05 16.23 10.36
CA VAL A 198 23.04 16.21 10.34
C VAL A 198 23.89 14.98 10.07
C VAL A 198 23.77 14.89 10.09
N LYS A 199 23.76 14.47 8.84
CA LYS A 199 24.49 13.26 8.40
C LYS A 199 24.73 13.37 6.89
N PHE A 200 25.93 12.98 6.46
CA PHE A 200 26.22 12.78 5.04
C PHE A 200 25.44 11.58 4.49
N SER A 201 25.07 11.65 3.23
CA SER A 201 24.55 10.50 2.51
C SER A 201 25.67 9.46 2.34
N PRO A 202 25.32 8.18 2.10
CA PRO A 202 26.35 7.15 1.93
C PRO A 202 27.42 7.51 0.88
N ASN A 203 27.04 8.20 -0.18
CA ASN A 203 28.03 8.57 -1.22
C ASN A 203 28.76 9.90 -0.96
N GLY A 204 28.35 10.60 0.10
CA GLY A 204 29.00 11.85 0.51
C GLY A 204 28.56 13.08 -0.25
N LYS A 205 27.66 12.90 -1.22
CA LYS A 205 27.22 14.01 -2.06
C LYS A 205 26.13 14.86 -1.42
N TYR A 206 25.32 14.25 -0.55
CA TYR A 206 24.20 14.93 0.08
C TYR A 206 24.34 15.01 1.59
N ILE A 207 23.60 15.94 2.18
CA ILE A 207 23.55 16.10 3.63
C ILE A 207 22.08 16.10 4.07
N LEU A 208 21.74 15.20 4.98
CA LEU A 208 20.41 15.17 5.59
C LEU A 208 20.46 15.98 6.88
N ALA A 209 19.59 16.98 6.98
CA ALA A 209 19.60 17.90 8.12
C ALA A 209 18.23 18.08 8.73
N ALA A 210 18.15 17.95 10.05
CA ALA A 210 16.90 18.19 10.77
C ALA A 210 16.95 19.57 11.43
N THR A 211 15.82 20.27 11.40
CA THR A 211 15.66 21.52 12.13
C THR A 211 14.43 21.43 13.04
N LEU A 212 14.43 22.21 14.11
CA LEU A 212 13.38 22.12 15.13
C LEU A 212 12.12 22.90 14.74
N ASP A 213 11.80 22.86 13.46
CA ASP A 213 10.52 23.35 12.92
C ASP A 213 9.83 22.20 12.17
N ASN A 214 9.98 21.00 12.73
CA ASN A 214 9.33 19.78 12.22
C ASN A 214 9.70 19.46 10.76
N THR A 215 10.96 19.71 10.40
CA THR A 215 11.40 19.63 9.01
C THR A 215 12.74 18.91 8.85
N LEU A 216 12.77 17.97 7.91
CA LEU A 216 14.01 17.36 7.43
C LEU A 216 14.27 17.82 6.01
N LYS A 217 15.54 18.09 5.72
CA LYS A 217 15.96 18.57 4.41
C LYS A 217 17.14 17.78 3.88
N LEU A 218 17.07 17.43 2.59
CA LEU A 218 18.20 16.84 1.88
C LEU A 218 18.94 17.90 1.03
N TRP A 219 20.18 18.19 1.42
CA TRP A 219 20.99 19.21 0.76
C TRP A 219 22.02 18.61 -0.18
N ASP A 220 22.18 19.25 -1.34
CA ASP A 220 23.28 18.93 -2.24
C ASP A 220 24.51 19.67 -1.69
N TYR A 221 25.52 18.93 -1.25
CA TYR A 221 26.71 19.55 -0.67
C TYR A 221 27.46 20.45 -1.66
N SER A 222 27.74 19.92 -2.85
CA SER A 222 28.51 20.67 -3.85
C SER A 222 27.84 21.98 -4.29
N LYS A 223 26.53 21.97 -4.44
CA LYS A 223 25.78 23.15 -4.88
C LYS A 223 25.38 24.07 -3.72
N GLY A 224 25.31 23.49 -2.52
CA GLY A 224 24.80 24.20 -1.35
C GLY A 224 23.31 24.49 -1.46
N LYS A 225 22.57 23.57 -2.07
CA LYS A 225 21.15 23.76 -2.38
C LYS A 225 20.28 22.65 -1.81
N CYS A 226 19.12 23.03 -1.28
CA CYS A 226 18.15 22.06 -0.77
C CYS A 226 17.44 21.34 -1.90
N LEU A 227 17.50 20.02 -1.88
CA LEU A 227 16.93 19.18 -2.95
C LEU A 227 15.57 18.58 -2.57
N LYS A 228 15.44 18.17 -1.32
CA LYS A 228 14.22 17.54 -0.84
C LYS A 228 13.85 18.04 0.55
N THR A 229 12.56 18.02 0.85
CA THR A 229 12.05 18.35 2.17
C THR A 229 11.09 17.25 2.64
N TYR A 230 11.25 16.81 3.88
CA TYR A 230 10.41 15.77 4.46
C TYR A 230 9.70 16.30 5.69
N THR A 231 8.37 16.24 5.66
CA THR A 231 7.53 16.80 6.72
C THR A 231 6.39 15.85 7.10
N GLY A 232 5.59 16.25 8.09
CA GLY A 232 4.50 15.42 8.59
C GLY A 232 4.74 14.90 9.99
N HIS A 233 6.00 14.82 10.39
CA HIS A 233 6.36 14.36 11.73
C HIS A 233 6.41 15.55 12.69
N LYS A 234 6.64 15.27 13.98
CA LYS A 234 6.81 16.31 14.96
C LYS A 234 8.23 16.34 15.50
N ASN A 235 8.89 17.48 15.34
CA ASN A 235 10.24 17.66 15.85
C ASN A 235 10.55 19.14 16.10
N GLU A 236 10.25 19.58 17.32
CA GLU A 236 10.45 20.97 17.73
C GLU A 236 11.23 21.12 19.05
N LYS A 237 11.58 20.00 19.67
CA LYS A 237 12.20 20.03 21.01
C LYS A 237 13.48 19.21 21.16
N TYR A 238 13.48 18.00 20.61
CA TYR A 238 14.58 17.08 20.84
C TYR A 238 15.46 16.92 19.62
N CYS A 239 16.74 16.60 19.85
CA CYS A 239 17.66 16.32 18.77
C CYS A 239 17.50 14.85 18.36
N ILE A 240 16.64 14.65 17.37
CA ILE A 240 16.24 13.33 16.90
C ILE A 240 17.08 12.91 15.69
N PHE A 241 17.66 11.73 15.79
CA PHE A 241 18.54 11.17 14.76
C PHE A 241 17.73 10.72 13.55
N ALA A 242 18.27 10.94 12.35
CA ALA A 242 17.63 10.42 11.13
C ALA A 242 18.59 9.55 10.28
N ASN A 243 18.04 8.81 9.33
CA ASN A 243 18.82 7.84 8.56
C ASN A 243 18.46 7.72 7.09
N PHE A 244 19.46 7.31 6.30
CA PHE A 244 19.25 6.80 4.95
C PHE A 244 19.07 5.29 5.07
N SER A 245 17.90 4.79 4.67
CA SER A 245 17.68 3.35 4.59
C SER A 245 17.98 2.91 3.15
N VAL A 246 18.92 1.99 3.01
CA VAL A 246 19.49 1.67 1.69
C VAL A 246 19.49 0.18 1.32
N THR A 247 19.13 -0.67 2.27
CA THR A 247 19.17 -2.13 2.08
C THR A 247 18.05 -2.67 1.18
N GLY A 248 16.90 -1.99 1.21
CA GLY A 248 15.76 -2.31 0.35
C GLY A 248 15.41 -1.11 -0.51
N GLY A 249 14.20 -0.59 -0.34
CA GLY A 249 13.79 0.67 -0.99
C GLY A 249 14.59 1.83 -0.41
N LYS A 250 14.72 2.91 -1.17
CA LYS A 250 15.49 4.06 -0.70
C LYS A 250 14.62 5.00 0.12
N TRP A 251 14.78 4.91 1.45
CA TRP A 251 13.94 5.66 2.38
C TRP A 251 14.74 6.65 3.21
N ILE A 252 14.00 7.59 3.81
CA ILE A 252 14.50 8.41 4.91
C ILE A 252 13.76 7.93 6.16
N VAL A 253 14.49 7.74 7.25
CA VAL A 253 13.91 7.23 8.50
C VAL A 253 14.19 8.23 9.64
N SER A 254 13.18 8.49 10.47
CA SER A 254 13.35 9.37 11.63
C SER A 254 12.36 9.08 12.75
N GLY A 255 12.80 9.31 13.98
CA GLY A 255 11.89 9.33 15.11
C GLY A 255 11.06 10.61 15.09
N SER A 256 10.16 10.72 16.05
CA SER A 256 9.22 11.83 16.11
C SER A 256 8.74 12.00 17.54
N GLU A 257 8.28 13.21 17.85
CA GLU A 257 7.82 13.53 19.19
C GLU A 257 6.37 13.13 19.45
N ASP A 258 5.73 12.53 18.45
CA ASP A 258 4.42 11.90 18.61
C ASP A 258 4.55 10.39 18.84
N ASN A 259 5.76 9.95 19.20
CA ASN A 259 6.09 8.58 19.60
C ASN A 259 6.14 7.55 18.44
N LEU A 260 6.19 8.04 17.21
CA LEU A 260 6.21 7.18 16.03
C LEU A 260 7.55 7.23 15.31
N VAL A 261 7.85 6.16 14.59
CA VAL A 261 8.93 6.19 13.60
C VAL A 261 8.32 6.50 12.25
N TYR A 262 8.83 7.55 11.60
CA TYR A 262 8.39 7.94 10.27
C TYR A 262 9.34 7.42 9.19
N ILE A 263 8.77 6.94 8.10
CA ILE A 263 9.55 6.53 6.94
C ILE A 263 9.01 7.21 5.67
N TRP A 264 9.89 7.92 4.95
CA TRP A 264 9.54 8.60 3.71
C TRP A 264 10.24 7.97 2.52
N ASN A 265 9.61 8.04 1.35
CA ASN A 265 10.27 7.77 0.09
C ASN A 265 11.24 8.92 -0.18
N LEU A 266 12.53 8.61 -0.33
CA LEU A 266 13.58 9.63 -0.45
C LEU A 266 13.35 10.59 -1.63
N GLN A 267 12.93 10.05 -2.78
CA GLN A 267 12.77 10.85 -3.99
C GLN A 267 11.47 11.63 -4.05
N THR A 268 10.37 10.98 -3.65
CA THR A 268 9.04 11.57 -3.78
C THR A 268 8.62 12.36 -2.55
N LYS A 269 9.26 12.10 -1.42
CA LYS A 269 9.01 12.80 -0.15
C LYS A 269 7.71 12.38 0.55
N GLU A 270 7.03 11.36 0.02
CA GLU A 270 5.81 10.84 0.63
C GLU A 270 6.14 10.01 1.86
N ILE A 271 5.31 10.12 2.89
CA ILE A 271 5.34 9.20 4.03
C ILE A 271 4.85 7.83 3.54
N VAL A 272 5.69 6.80 3.70
CA VAL A 272 5.35 5.45 3.24
C VAL A 272 4.99 4.51 4.39
N GLN A 273 5.46 4.82 5.59
CA GLN A 273 5.10 4.06 6.79
C GLN A 273 5.30 4.87 8.07
N LYS A 274 4.43 4.61 9.04
CA LYS A 274 4.53 5.15 10.40
C LYS A 274 4.45 4.02 11.40
N LEU A 275 5.51 3.85 12.19
CA LEU A 275 5.62 2.71 13.10
C LEU A 275 5.19 3.06 14.52
N GLN A 276 4.16 2.36 14.99
CA GLN A 276 3.56 2.60 16.30
C GLN A 276 3.98 1.55 17.32
N GLY A 277 4.19 1.99 18.56
CA GLY A 277 4.59 1.07 19.64
C GLY A 277 5.25 1.77 20.81
N HIS A 278 6.13 2.73 20.54
CA HIS A 278 6.79 3.47 21.60
C HIS A 278 5.81 4.34 22.39
N THR A 279 6.17 4.60 23.65
CA THR A 279 5.32 5.36 24.56
C THR A 279 5.98 6.68 25.00
N ASP A 280 7.04 7.07 24.31
CA ASP A 280 7.66 8.39 24.50
C ASP A 280 8.35 8.77 23.20
N VAL A 281 8.85 10.01 23.14
CA VAL A 281 9.59 10.51 21.98
C VAL A 281 10.62 9.48 21.47
N VAL A 282 10.55 9.18 20.18
CA VAL A 282 11.56 8.33 19.55
C VAL A 282 12.74 9.22 19.16
N ILE A 283 13.76 9.23 20.01
CA ILE A 283 14.89 10.14 19.84
C ILE A 283 15.93 9.59 18.86
N SER A 284 15.97 8.28 18.68
CA SER A 284 17.03 7.65 17.89
C SER A 284 16.49 6.50 17.05
N THR A 285 16.96 6.44 15.81
CA THR A 285 16.74 5.31 14.92
C THR A 285 18.05 4.95 14.26
N ALA A 286 18.21 3.67 13.93
CA ALA A 286 19.35 3.19 13.17
C ALA A 286 18.85 2.17 12.14
N CYS A 287 19.51 2.14 10.99
CA CYS A 287 19.20 1.16 9.94
C CYS A 287 20.33 0.15 9.80
N HIS A 288 19.97 -1.13 9.83
CA HIS A 288 20.94 -2.22 9.72
C HIS A 288 21.73 -2.14 8.40
N PRO A 289 23.04 -2.45 8.43
CA PRO A 289 23.86 -2.27 7.24
C PRO A 289 23.58 -3.21 6.05
N THR A 290 22.90 -4.34 6.29
CA THR A 290 22.62 -5.32 5.22
C THR A 290 21.18 -5.85 5.14
N GLU A 291 20.52 -5.94 6.29
N GLU A 291 20.51 -5.92 6.28
CA GLU A 291 19.14 -6.42 6.35
CA GLU A 291 19.14 -6.42 6.34
C GLU A 291 18.17 -5.24 6.47
C GLU A 291 18.16 -5.26 6.52
N ASN A 292 16.91 -5.45 6.09
CA ASN A 292 15.87 -4.43 6.23
C ASN A 292 15.38 -4.39 7.67
N ILE A 293 16.26 -3.91 8.56
CA ILE A 293 15.98 -3.89 9.99
C ILE A 293 16.17 -2.47 10.50
N ILE A 294 15.20 -1.99 11.27
CA ILE A 294 15.31 -0.70 11.96
C ILE A 294 15.34 -0.93 13.48
N ALA A 295 16.24 -0.20 14.16
CA ALA A 295 16.21 -0.10 15.61
C ALA A 295 15.75 1.30 15.96
N SER A 296 14.86 1.39 16.93
CA SER A 296 14.38 2.67 17.45
C SER A 296 14.48 2.70 18.97
N ALA A 297 14.60 3.90 19.55
CA ALA A 297 14.72 4.01 20.99
C ALA A 297 14.04 5.28 21.49
N ALA A 298 13.50 5.20 22.70
CA ALA A 298 12.65 6.26 23.23
C ALA A 298 13.07 6.82 24.59
N LEU A 299 12.48 7.96 24.94
CA LEU A 299 12.81 8.67 26.16
C LEU A 299 12.17 8.05 27.43
N GLU A 300 12.26 8.76 28.55
CA GLU A 300 12.10 8.14 29.88
C GLU A 300 10.76 7.48 30.25
N ASN A 301 9.67 7.83 29.56
CA ASN A 301 8.39 7.15 29.80
C ASN A 301 8.38 5.74 29.20
N ASP A 302 9.34 5.48 28.34
CA ASP A 302 9.42 4.24 27.57
C ASP A 302 10.67 3.45 27.96
N LYS A 303 11.84 4.03 27.68
CA LYS A 303 13.15 3.45 28.06
C LYS A 303 13.52 2.17 27.31
N THR A 304 12.77 1.82 26.25
CA THR A 304 13.03 0.59 25.52
C THR A 304 13.57 0.84 24.12
N ILE A 305 14.18 -0.19 23.56
CA ILE A 305 14.63 -0.20 22.17
C ILE A 305 13.73 -1.18 21.43
N LYS A 306 13.32 -0.82 20.22
CA LYS A 306 12.54 -1.74 19.40
C LYS A 306 13.24 -2.11 18.11
N LEU A 307 13.17 -3.38 17.76
CA LEU A 307 13.71 -3.88 16.50
C LEU A 307 12.56 -4.26 15.59
N TRP A 308 12.61 -3.74 14.36
CA TRP A 308 11.56 -3.92 13.37
C TRP A 308 12.18 -4.55 12.12
N LYS A 309 11.39 -5.34 11.40
N LYS A 309 11.38 -5.33 11.40
CA LYS A 309 11.87 -5.92 10.14
CA LYS A 309 11.84 -5.95 10.16
C LYS A 309 10.83 -5.82 9.02
C LYS A 309 10.82 -5.80 9.03
N SER A 310 11.34 -5.53 7.82
CA SER A 310 10.51 -5.39 6.62
C SER A 310 10.98 -6.32 5.51
N ASP A 311 10.08 -6.63 4.58
CA ASP A 311 10.41 -7.44 3.41
C ASP A 311 11.13 -6.66 2.32
N CYS A 312 11.01 -5.33 2.36
CA CYS A 312 11.66 -4.47 1.38
C CYS A 312 12.06 -3.12 1.97
N VAL B 9 -39.05 -20.19 -35.18
CA VAL B 9 -39.35 -18.73 -35.16
C VAL B 9 -39.58 -18.23 -33.72
N LYS B 10 -39.90 -19.16 -32.81
CA LYS B 10 -40.10 -18.84 -31.40
C LYS B 10 -39.51 -19.95 -30.52
N PRO B 11 -38.79 -19.56 -29.44
CA PRO B 11 -38.26 -20.57 -28.54
C PRO B 11 -39.35 -21.12 -27.63
N ASN B 12 -39.08 -22.23 -26.95
CA ASN B 12 -40.05 -22.83 -26.06
C ASN B 12 -39.45 -23.17 -24.69
N TYR B 13 -38.77 -22.20 -24.10
CA TYR B 13 -38.17 -22.37 -22.78
C TYR B 13 -39.19 -22.84 -21.76
N ALA B 14 -38.88 -23.95 -21.10
CA ALA B 14 -39.74 -24.53 -20.08
C ALA B 14 -38.91 -24.83 -18.84
N LEU B 15 -39.54 -24.72 -17.67
CA LEU B 15 -38.86 -24.88 -16.39
C LEU B 15 -38.35 -26.30 -16.16
N LYS B 16 -37.07 -26.41 -15.83
CA LYS B 16 -36.45 -27.70 -15.51
C LYS B 16 -36.12 -27.85 -14.03
N PHE B 17 -35.58 -26.79 -13.42
CA PHE B 17 -35.19 -26.81 -12.01
C PHE B 17 -35.38 -25.45 -11.35
N THR B 18 -35.67 -25.49 -10.05
CA THR B 18 -35.68 -24.30 -9.21
C THR B 18 -34.68 -24.52 -8.08
N LEU B 19 -33.72 -23.62 -7.96
CA LEU B 19 -32.60 -23.79 -7.04
C LEU B 19 -32.75 -22.88 -5.83
N ALA B 20 -33.00 -23.49 -4.68
CA ALA B 20 -33.18 -22.78 -3.43
C ALA B 20 -31.95 -22.96 -2.54
N GLY B 21 -31.62 -21.92 -1.77
CA GLY B 21 -30.49 -21.99 -0.85
C GLY B 21 -30.07 -20.64 -0.31
N HIS B 22 -30.14 -19.61 -1.17
CA HIS B 22 -29.82 -18.26 -0.75
C HIS B 22 -30.87 -17.77 0.26
N THR B 23 -30.44 -16.94 1.20
CA THR B 23 -31.30 -16.50 2.30
C THR B 23 -31.76 -15.04 2.16
N LYS B 24 -31.23 -14.35 1.16
CA LYS B 24 -31.69 -13.02 0.76
C LYS B 24 -31.76 -12.94 -0.76
N ALA B 25 -32.11 -11.75 -1.28
CA ALA B 25 -32.20 -11.51 -2.72
C ALA B 25 -30.97 -12.05 -3.45
N VAL B 26 -31.21 -12.70 -4.58
CA VAL B 26 -30.11 -13.12 -5.45
C VAL B 26 -29.84 -11.94 -6.39
N SER B 27 -28.56 -11.67 -6.62
CA SER B 27 -28.15 -10.50 -7.40
C SER B 27 -27.68 -10.85 -8.82
N SER B 28 -27.05 -12.02 -8.97
CA SER B 28 -26.39 -12.34 -10.24
C SER B 28 -26.21 -13.84 -10.40
N VAL B 29 -26.45 -14.32 -11.63
CA VAL B 29 -26.14 -15.70 -12.01
C VAL B 29 -25.28 -15.69 -13.28
N LYS B 30 -24.27 -16.56 -13.29
CA LYS B 30 -23.34 -16.66 -14.41
C LYS B 30 -22.96 -18.12 -14.67
N PHE B 31 -23.06 -18.55 -15.92
CA PHE B 31 -22.56 -19.87 -16.32
C PHE B 31 -21.06 -19.82 -16.56
N SER B 32 -20.33 -20.81 -16.03
CA SER B 32 -18.91 -20.95 -16.33
C SER B 32 -18.71 -21.12 -17.83
N PRO B 33 -17.57 -20.61 -18.36
CA PRO B 33 -17.31 -20.73 -19.81
C PRO B 33 -17.25 -22.17 -20.32
N ASN B 34 -16.85 -23.12 -19.47
CA ASN B 34 -16.84 -24.53 -19.87
C ASN B 34 -18.23 -25.18 -19.82
N GLY B 35 -19.24 -24.41 -19.40
CA GLY B 35 -20.62 -24.87 -19.34
C GLY B 35 -21.00 -25.78 -18.19
N GLU B 36 -20.03 -26.08 -17.32
N GLU B 36 -20.02 -26.10 -17.33
CA GLU B 36 -20.19 -27.05 -16.23
CA GLU B 36 -20.22 -27.05 -16.22
C GLU B 36 -20.94 -26.53 -14.99
C GLU B 36 -21.04 -26.50 -15.05
N TRP B 37 -20.82 -25.22 -14.75
CA TRP B 37 -21.33 -24.64 -13.51
C TRP B 37 -22.18 -23.41 -13.72
N LEU B 38 -23.04 -23.15 -12.72
CA LEU B 38 -23.66 -21.85 -12.53
C LEU B 38 -23.19 -21.30 -11.20
N ALA B 39 -22.75 -20.05 -11.20
CA ALA B 39 -22.40 -19.34 -9.98
C ALA B 39 -23.49 -18.32 -9.70
N SER B 40 -23.85 -18.19 -8.43
CA SER B 40 -24.82 -17.17 -8.02
C SER B 40 -24.27 -16.36 -6.86
N SER B 41 -24.65 -15.08 -6.82
CA SER B 41 -24.28 -14.20 -5.72
C SER B 41 -25.55 -13.63 -5.10
N SER B 42 -25.45 -13.24 -3.84
CA SER B 42 -26.61 -12.79 -3.09
C SER B 42 -26.32 -11.69 -2.08
N ALA B 43 -27.37 -10.96 -1.69
CA ALA B 43 -27.30 -10.05 -0.56
C ALA B 43 -26.93 -10.79 0.74
N ASP B 44 -27.09 -12.11 0.76
CA ASP B 44 -26.75 -12.91 1.94
C ASP B 44 -25.24 -13.08 2.17
N LYS B 45 -24.43 -12.37 1.38
CA LYS B 45 -22.96 -12.39 1.44
C LYS B 45 -22.31 -13.64 0.84
N LEU B 46 -23.12 -14.50 0.20
CA LEU B 46 -22.60 -15.79 -0.25
C LEU B 46 -22.56 -15.95 -1.77
N ILE B 47 -21.58 -16.74 -2.20
CA ILE B 47 -21.53 -17.23 -3.57
C ILE B 47 -21.92 -18.71 -3.50
N LYS B 48 -22.80 -19.14 -4.38
CA LYS B 48 -23.10 -20.56 -4.48
C LYS B 48 -22.81 -21.12 -5.88
N ILE B 49 -22.33 -22.37 -5.91
CA ILE B 49 -22.01 -23.05 -7.16
C ILE B 49 -23.00 -24.20 -7.36
N TRP B 50 -23.55 -24.29 -8.55
CA TRP B 50 -24.57 -25.28 -8.88
C TRP B 50 -24.17 -25.96 -10.18
N GLY B 51 -24.53 -27.24 -10.33
CA GLY B 51 -24.38 -27.91 -11.62
C GLY B 51 -25.28 -27.25 -12.65
N ALA B 52 -24.71 -26.89 -13.80
CA ALA B 52 -25.42 -26.13 -14.83
C ALA B 52 -26.54 -26.91 -15.53
N TYR B 53 -26.45 -28.25 -15.47
CA TYR B 53 -27.36 -29.10 -16.23
C TYR B 53 -28.49 -29.69 -15.41
N ASP B 54 -28.16 -30.11 -14.18
CA ASP B 54 -29.15 -30.74 -13.31
C ASP B 54 -29.48 -29.88 -12.09
N GLY B 55 -28.83 -28.71 -12.00
CA GLY B 55 -29.07 -27.77 -10.92
C GLY B 55 -28.62 -28.23 -9.54
N LYS B 56 -27.79 -29.27 -9.50
CA LYS B 56 -27.35 -29.85 -8.23
C LYS B 56 -26.42 -28.89 -7.48
N PHE B 57 -26.77 -28.57 -6.24
CA PHE B 57 -25.93 -27.71 -5.41
C PHE B 57 -24.56 -28.31 -5.19
N GLU B 58 -23.52 -27.52 -5.44
CA GLU B 58 -22.15 -28.00 -5.32
C GLU B 58 -21.46 -27.49 -4.05
N LYS B 59 -21.42 -26.17 -3.88
CA LYS B 59 -20.74 -25.58 -2.72
C LYS B 59 -21.16 -24.14 -2.45
N THR B 60 -20.86 -23.69 -1.24
CA THR B 60 -20.97 -22.28 -0.85
C THR B 60 -19.58 -21.70 -0.70
N ILE B 61 -19.39 -20.49 -1.24
CA ILE B 61 -18.13 -19.77 -1.14
C ILE B 61 -18.37 -18.51 -0.30
N SER B 62 -17.63 -18.38 0.80
N SER B 62 -17.61 -18.39 0.80
CA SER B 62 -17.85 -17.32 1.78
CA SER B 62 -17.84 -17.34 1.80
C SER B 62 -16.58 -16.53 2.06
C SER B 62 -16.57 -16.53 2.06
N GLY B 63 -16.75 -15.28 2.47
CA GLY B 63 -15.63 -14.41 2.79
C GLY B 63 -15.97 -12.93 2.83
N HIS B 64 -16.89 -12.49 1.96
CA HIS B 64 -17.29 -11.09 1.96
C HIS B 64 -18.00 -10.73 3.26
N LYS B 65 -17.85 -9.47 3.68
CA LYS B 65 -18.42 -9.00 4.94
C LYS B 65 -19.83 -8.44 4.77
N LEU B 66 -20.17 -8.07 3.53
CA LEU B 66 -21.50 -7.59 3.18
C LEU B 66 -21.99 -8.24 1.90
N GLY B 67 -23.19 -7.86 1.47
CA GLY B 67 -23.84 -8.45 0.30
C GLY B 67 -23.02 -8.33 -0.96
N ILE B 68 -23.33 -9.19 -1.92
CA ILE B 68 -22.60 -9.26 -3.19
C ILE B 68 -23.58 -8.91 -4.32
N SER B 69 -23.17 -7.98 -5.19
CA SER B 69 -23.98 -7.57 -6.35
C SER B 69 -23.67 -8.36 -7.62
N ASP B 70 -22.46 -8.89 -7.74
CA ASP B 70 -22.04 -9.48 -9.02
C ASP B 70 -20.94 -10.52 -8.87
N VAL B 71 -20.91 -11.47 -9.80
N VAL B 71 -20.89 -11.46 -9.82
CA VAL B 71 -19.83 -12.45 -9.90
CA VAL B 71 -19.82 -12.46 -9.90
C VAL B 71 -19.47 -12.64 -11.37
C VAL B 71 -19.48 -12.65 -11.37
N ALA B 72 -18.25 -13.07 -11.64
CA ALA B 72 -17.81 -13.33 -13.03
C ALA B 72 -16.72 -14.39 -13.06
N TRP B 73 -16.71 -15.17 -14.13
CA TRP B 73 -15.77 -16.29 -14.31
C TRP B 73 -14.54 -15.93 -15.16
N SER B 74 -13.39 -16.50 -14.81
CA SER B 74 -12.24 -16.48 -15.70
C SER B 74 -12.51 -17.40 -16.91
N SER B 75 -11.79 -17.18 -18.00
CA SER B 75 -12.01 -17.94 -19.23
C SER B 75 -11.83 -19.45 -19.09
N ASP B 76 -10.89 -19.87 -18.23
CA ASP B 76 -10.62 -21.29 -18.00
C ASP B 76 -11.53 -21.92 -16.94
N SER B 77 -12.51 -21.14 -16.46
CA SER B 77 -13.52 -21.60 -15.50
C SER B 77 -12.95 -21.96 -14.11
N ASN B 78 -11.70 -21.56 -13.86
CA ASN B 78 -11.05 -21.90 -12.59
C ASN B 78 -11.22 -20.84 -11.51
N LEU B 79 -11.41 -19.59 -11.95
CA LEU B 79 -11.48 -18.46 -11.02
C LEU B 79 -12.81 -17.76 -11.08
N LEU B 80 -13.21 -17.18 -9.95
CA LEU B 80 -14.33 -16.28 -9.89
C LEU B 80 -13.89 -14.97 -9.27
N VAL B 81 -14.51 -13.87 -9.68
CA VAL B 81 -14.37 -12.59 -9.00
C VAL B 81 -15.77 -12.16 -8.56
N SER B 82 -15.83 -11.53 -7.39
CA SER B 82 -17.10 -11.06 -6.84
C SER B 82 -16.99 -9.60 -6.44
N ALA B 83 -18.11 -8.89 -6.54
CA ALA B 83 -18.17 -7.45 -6.25
C ALA B 83 -19.16 -7.20 -5.11
N SER B 84 -18.68 -6.57 -4.04
CA SER B 84 -19.43 -6.50 -2.78
C SER B 84 -19.68 -5.10 -2.24
N ASP B 85 -20.76 -4.97 -1.47
CA ASP B 85 -21.02 -3.78 -0.68
C ASP B 85 -19.92 -3.50 0.34
N ASP B 86 -19.07 -4.49 0.63
CA ASP B 86 -17.96 -4.30 1.57
C ASP B 86 -16.79 -3.51 0.97
N LYS B 87 -17.04 -2.96 -0.23
CA LYS B 87 -16.12 -2.08 -0.97
C LYS B 87 -14.95 -2.84 -1.62
N THR B 88 -14.95 -4.16 -1.51
CA THR B 88 -13.90 -4.97 -2.12
C THR B 88 -14.43 -5.84 -3.24
N LEU B 89 -13.50 -6.30 -4.07
CA LEU B 89 -13.73 -7.47 -4.90
C LEU B 89 -12.88 -8.59 -4.33
N LYS B 90 -13.29 -9.83 -4.56
CA LYS B 90 -12.48 -10.96 -4.16
C LYS B 90 -12.29 -11.91 -5.34
N ILE B 91 -11.07 -12.40 -5.49
CA ILE B 91 -10.76 -13.42 -6.49
C ILE B 91 -10.71 -14.77 -5.79
N TRP B 92 -11.48 -15.72 -6.31
CA TRP B 92 -11.63 -17.02 -5.69
C TRP B 92 -11.12 -18.13 -6.58
N ASP B 93 -10.45 -19.11 -5.98
CA ASP B 93 -10.22 -20.37 -6.67
C ASP B 93 -11.47 -21.22 -6.47
N VAL B 94 -12.17 -21.54 -7.56
CA VAL B 94 -13.47 -22.21 -7.46
C VAL B 94 -13.40 -23.63 -6.86
N SER B 95 -12.40 -24.41 -7.26
N SER B 95 -12.40 -24.42 -7.27
CA SER B 95 -12.25 -25.79 -6.79
CA SER B 95 -12.25 -25.79 -6.79
C SER B 95 -11.95 -25.90 -5.29
C SER B 95 -11.98 -25.89 -5.29
N SER B 96 -11.15 -24.98 -4.77
CA SER B 96 -10.80 -24.97 -3.34
C SER B 96 -11.76 -24.12 -2.50
N GLY B 97 -12.44 -23.16 -3.14
CA GLY B 97 -13.31 -22.22 -2.44
C GLY B 97 -12.54 -21.10 -1.75
N LYS B 98 -11.22 -21.08 -1.90
CA LYS B 98 -10.37 -20.13 -1.18
C LYS B 98 -10.31 -18.77 -1.86
N CYS B 99 -10.32 -17.71 -1.05
CA CYS B 99 -10.08 -16.36 -1.54
C CYS B 99 -8.58 -16.18 -1.80
N LEU B 100 -8.23 -15.95 -3.06
CA LEU B 100 -6.83 -15.79 -3.46
C LEU B 100 -6.34 -14.37 -3.25
N LYS B 101 -7.20 -13.40 -3.56
CA LYS B 101 -6.85 -11.98 -3.44
C LYS B 101 -8.09 -11.18 -3.04
N THR B 102 -7.87 -10.13 -2.26
CA THR B 102 -8.89 -9.13 -1.98
C THR B 102 -8.47 -7.81 -2.64
N LEU B 103 -9.32 -7.34 -3.54
CA LEU B 103 -9.04 -6.17 -4.37
C LEU B 103 -9.58 -4.92 -3.68
N LYS B 104 -8.67 -4.13 -3.11
CA LYS B 104 -9.02 -2.99 -2.28
C LYS B 104 -8.67 -1.68 -2.97
N GLY B 105 -9.57 -0.71 -2.90
CA GLY B 105 -9.36 0.57 -3.58
C GLY B 105 -10.62 1.39 -3.74
N HIS B 106 -11.73 0.73 -4.08
CA HIS B 106 -13.01 1.44 -4.16
C HIS B 106 -13.36 2.01 -2.78
N SER B 107 -14.03 3.16 -2.80
CA SER B 107 -14.38 3.85 -1.57
C SER B 107 -15.87 3.72 -1.22
N ASN B 108 -16.59 2.90 -1.99
CA ASN B 108 -17.99 2.55 -1.70
C ASN B 108 -18.36 1.22 -2.36
N TYR B 109 -19.63 0.84 -2.30
CA TYR B 109 -20.09 -0.45 -2.81
C TYR B 109 -19.55 -0.74 -4.21
N VAL B 110 -19.09 -1.97 -4.42
CA VAL B 110 -18.75 -2.42 -5.77
C VAL B 110 -19.96 -3.16 -6.35
N PHE B 111 -20.43 -2.71 -7.52
CA PHE B 111 -21.68 -3.24 -8.11
C PHE B 111 -21.48 -4.25 -9.24
N CYS B 112 -20.34 -4.19 -9.91
CA CYS B 112 -20.17 -4.96 -11.16
C CYS B 112 -18.72 -5.34 -11.42
N CYS B 113 -18.54 -6.48 -12.08
CA CYS B 113 -17.19 -6.98 -12.35
C CYS B 113 -17.14 -7.92 -13.53
N ASN B 114 -15.96 -8.02 -14.14
CA ASN B 114 -15.72 -8.93 -15.25
C ASN B 114 -14.24 -9.18 -15.45
N PHE B 115 -13.89 -10.40 -15.86
CA PHE B 115 -12.54 -10.68 -16.37
C PHE B 115 -12.49 -10.26 -17.83
N ASN B 116 -11.31 -9.89 -18.31
CA ASN B 116 -11.11 -9.84 -19.76
C ASN B 116 -11.00 -11.27 -20.30
N PRO B 117 -11.17 -11.46 -21.62
CA PRO B 117 -11.08 -12.83 -22.14
C PRO B 117 -9.75 -13.50 -21.76
N GLN B 118 -8.64 -12.75 -21.79
CA GLN B 118 -7.33 -13.27 -21.43
C GLN B 118 -7.28 -13.68 -19.95
N SER B 119 -8.11 -13.00 -19.16
CA SER B 119 -8.31 -13.24 -17.72
C SER B 119 -7.10 -12.87 -16.85
N ASN B 120 -6.22 -12.03 -17.41
CA ASN B 120 -5.15 -11.42 -16.62
C ASN B 120 -5.62 -10.10 -15.96
N LEU B 121 -6.77 -9.60 -16.39
CA LEU B 121 -7.33 -8.36 -15.83
C LEU B 121 -8.75 -8.54 -15.34
N ILE B 122 -9.12 -7.72 -14.36
CA ILE B 122 -10.50 -7.59 -13.91
C ILE B 122 -10.88 -6.12 -14.01
N VAL B 123 -12.08 -5.85 -14.52
CA VAL B 123 -12.66 -4.52 -14.48
C VAL B 123 -13.77 -4.50 -13.44
N SER B 124 -13.90 -3.38 -12.73
CA SER B 124 -14.94 -3.21 -11.72
C SER B 124 -15.61 -1.86 -11.86
N GLY B 125 -16.86 -1.77 -11.40
CA GLY B 125 -17.59 -0.50 -11.34
C GLY B 125 -18.22 -0.32 -9.96
N SER B 126 -18.21 0.92 -9.46
CA SER B 126 -18.65 1.17 -8.09
C SER B 126 -19.65 2.32 -7.95
N PHE B 127 -20.37 2.30 -6.82
CA PHE B 127 -21.14 3.45 -6.33
C PHE B 127 -20.25 4.69 -6.30
N ASP B 128 -18.94 4.49 -6.07
CA ASP B 128 -17.98 5.61 -5.97
C ASP B 128 -17.71 6.34 -7.30
N GLU B 129 -18.41 5.90 -8.35
CA GLU B 129 -18.42 6.55 -9.68
C GLU B 129 -17.19 6.27 -10.54
N SER B 130 -16.30 5.42 -10.04
CA SER B 130 -15.10 5.04 -10.78
C SER B 130 -15.21 3.66 -11.41
N VAL B 131 -14.39 3.45 -12.44
CA VAL B 131 -14.15 2.14 -13.02
C VAL B 131 -12.68 1.82 -12.72
N ARG B 132 -12.44 0.64 -12.15
CA ARG B 132 -11.07 0.24 -11.84
C ARG B 132 -10.66 -0.99 -12.66
N ILE B 133 -9.38 -1.00 -13.05
CA ILE B 133 -8.80 -2.12 -13.79
C ILE B 133 -7.73 -2.75 -12.89
N TRP B 134 -7.85 -4.05 -12.67
CA TRP B 134 -7.06 -4.76 -11.68
C TRP B 134 -6.19 -5.85 -12.31
N ASP B 135 -4.99 -6.04 -11.77
CA ASP B 135 -4.13 -7.14 -12.18
C ASP B 135 -4.49 -8.38 -11.37
N VAL B 136 -4.91 -9.44 -12.06
CA VAL B 136 -5.35 -10.68 -11.41
C VAL B 136 -4.24 -11.32 -10.58
N LYS B 137 -3.04 -11.42 -11.16
CA LYS B 137 -1.89 -12.06 -10.51
C LYS B 137 -1.50 -11.40 -9.18
N THR B 138 -1.37 -10.08 -9.19
CA THR B 138 -0.91 -9.35 -8.00
C THR B 138 -2.06 -8.89 -7.10
N GLY B 139 -3.26 -8.80 -7.67
CA GLY B 139 -4.41 -8.27 -6.95
C GLY B 139 -4.33 -6.77 -6.71
N LYS B 140 -3.48 -6.10 -7.47
CA LYS B 140 -3.31 -4.66 -7.33
C LYS B 140 -4.04 -3.89 -8.43
N CYS B 141 -4.48 -2.67 -8.09
CA CYS B 141 -5.16 -1.83 -9.05
C CYS B 141 -4.16 -1.21 -10.01
N LEU B 142 -4.39 -1.38 -11.30
CA LEU B 142 -3.53 -0.83 -12.33
C LEU B 142 -3.96 0.56 -12.75
N LYS B 143 -5.27 0.75 -12.91
CA LYS B 143 -5.84 2.02 -13.33
C LYS B 143 -7.15 2.32 -12.62
N THR B 144 -7.33 3.59 -12.24
CA THR B 144 -8.61 4.08 -11.76
C THR B 144 -9.13 5.09 -12.78
N LEU B 145 -10.26 4.78 -13.39
CA LEU B 145 -10.86 5.67 -14.38
C LEU B 145 -11.94 6.53 -13.72
N PRO B 146 -11.81 7.87 -13.82
CA PRO B 146 -12.85 8.79 -13.34
C PRO B 146 -14.02 8.73 -14.32
N ALA B 147 -14.65 7.56 -14.36
CA ALA B 147 -15.45 7.18 -15.50
C ALA B 147 -16.78 7.89 -15.64
N HIS B 148 -17.41 8.21 -14.50
CA HIS B 148 -18.79 8.66 -14.48
C HIS B 148 -19.04 9.65 -13.34
N SER B 149 -20.23 10.26 -13.32
CA SER B 149 -20.58 11.23 -12.27
C SER B 149 -21.74 10.75 -11.39
N ASP B 150 -22.00 9.45 -11.44
CA ASP B 150 -23.02 8.76 -10.61
C ASP B 150 -22.61 7.28 -10.56
N PRO B 151 -23.28 6.46 -9.72
CA PRO B 151 -22.89 5.05 -9.58
C PRO B 151 -22.75 4.28 -10.91
N VAL B 152 -21.73 3.43 -11.00
CA VAL B 152 -21.48 2.61 -12.19
C VAL B 152 -22.27 1.31 -12.07
N SER B 153 -23.15 1.05 -13.03
CA SER B 153 -24.04 -0.11 -12.98
C SER B 153 -23.53 -1.38 -13.65
N ALA B 154 -22.70 -1.22 -14.69
CA ALA B 154 -22.15 -2.36 -15.45
C ALA B 154 -20.78 -2.05 -16.05
N VAL B 155 -19.94 -3.07 -16.14
CA VAL B 155 -18.65 -3.00 -16.83
C VAL B 155 -18.43 -4.30 -17.61
N HIS B 156 -17.93 -4.19 -18.85
CA HIS B 156 -17.78 -5.37 -19.73
C HIS B 156 -16.61 -5.16 -20.69
N PHE B 157 -15.80 -6.21 -20.87
CA PHE B 157 -14.74 -6.19 -21.89
C PHE B 157 -15.32 -6.69 -23.21
N ASN B 158 -14.84 -6.16 -24.33
CA ASN B 158 -15.18 -6.72 -25.63
C ASN B 158 -14.46 -8.05 -25.89
N ARG B 159 -14.70 -8.63 -27.07
N ARG B 159 -14.71 -8.63 -27.06
CA ARG B 159 -14.26 -9.99 -27.43
CA ARG B 159 -14.27 -9.99 -27.43
C ARG B 159 -12.76 -10.25 -27.36
C ARG B 159 -12.76 -10.26 -27.37
N ASP B 160 -11.94 -9.23 -27.65
CA ASP B 160 -10.49 -9.39 -27.58
C ASP B 160 -9.84 -8.69 -26.38
N GLY B 161 -10.67 -8.08 -25.53
CA GLY B 161 -10.19 -7.40 -24.33
C GLY B 161 -9.61 -6.00 -24.52
N SER B 162 -9.60 -5.51 -25.76
CA SER B 162 -9.01 -4.19 -26.04
C SER B 162 -9.90 -3.01 -25.60
N LEU B 163 -11.21 -3.25 -25.47
CA LEU B 163 -12.15 -2.22 -25.05
C LEU B 163 -12.94 -2.60 -23.81
N ILE B 164 -13.31 -1.59 -23.03
CA ILE B 164 -14.24 -1.75 -21.92
C ILE B 164 -15.45 -0.86 -22.18
N VAL B 165 -16.65 -1.38 -21.93
CA VAL B 165 -17.85 -0.54 -21.89
C VAL B 165 -18.39 -0.43 -20.47
N SER B 166 -18.74 0.78 -20.07
CA SER B 166 -19.29 1.04 -18.75
C SER B 166 -20.62 1.76 -18.88
N SER B 167 -21.47 1.61 -17.88
CA SER B 167 -22.75 2.33 -17.84
C SER B 167 -22.95 2.92 -16.45
N SER B 168 -23.78 3.95 -16.37
CA SER B 168 -23.96 4.65 -15.11
C SER B 168 -25.31 5.33 -14.97
N TYR B 169 -25.68 5.59 -13.72
CA TYR B 169 -26.85 6.37 -13.38
C TYR B 169 -26.75 7.81 -13.88
N ASP B 170 -25.58 8.22 -14.34
CA ASP B 170 -25.40 9.55 -14.92
C ASP B 170 -26.00 9.65 -16.33
N GLY B 171 -26.53 8.54 -16.82
CA GLY B 171 -27.20 8.47 -18.12
C GLY B 171 -26.28 8.17 -19.29
N LEU B 172 -25.02 7.85 -19.01
CA LEU B 172 -24.04 7.65 -20.06
C LEU B 172 -23.57 6.21 -20.19
N CYS B 173 -23.33 5.81 -21.44
N CYS B 173 -23.26 5.83 -21.42
CA CYS B 173 -22.50 4.65 -21.75
CA CYS B 173 -22.52 4.60 -21.71
C CYS B 173 -21.18 5.19 -22.25
C CYS B 173 -21.21 5.00 -22.37
N ARG B 174 -20.09 4.63 -21.74
CA ARG B 174 -18.76 5.03 -22.21
C ARG B 174 -17.92 3.83 -22.63
N ILE B 175 -17.15 4.01 -23.69
CA ILE B 175 -16.25 2.98 -24.20
C ILE B 175 -14.81 3.43 -23.97
N TRP B 176 -14.02 2.53 -23.38
CA TRP B 176 -12.67 2.84 -22.92
C TRP B 176 -11.64 1.95 -23.60
N ASP B 177 -10.50 2.54 -23.93
CA ASP B 177 -9.36 1.78 -24.40
C ASP B 177 -8.69 1.14 -23.18
N THR B 178 -8.67 -0.19 -23.15
CA THR B 178 -8.11 -0.92 -22.01
C THR B 178 -6.66 -0.52 -21.70
N ALA B 179 -5.80 -0.50 -22.71
CA ALA B 179 -4.37 -0.26 -22.51
C ALA B 179 -4.04 1.10 -21.89
N SER B 180 -4.71 2.15 -22.37
CA SER B 180 -4.40 3.53 -21.99
C SER B 180 -5.36 4.12 -20.96
N GLY B 181 -6.55 3.54 -20.86
CA GLY B 181 -7.58 4.05 -19.96
C GLY B 181 -8.32 5.26 -20.51
N GLN B 182 -8.08 5.58 -21.78
CA GLN B 182 -8.72 6.73 -22.42
C GLN B 182 -10.15 6.44 -22.85
N CYS B 183 -11.05 7.40 -22.65
CA CYS B 183 -12.41 7.29 -23.14
C CYS B 183 -12.44 7.53 -24.63
N LEU B 184 -12.92 6.54 -25.38
CA LEU B 184 -12.95 6.62 -26.84
C LEU B 184 -14.27 7.15 -27.36
N LYS B 185 -15.35 6.83 -26.66
CA LYS B 185 -16.69 7.24 -27.08
C LYS B 185 -17.65 7.34 -25.91
N THR B 186 -18.54 8.35 -25.97
CA THR B 186 -19.65 8.47 -25.05
C THR B 186 -20.94 8.35 -25.86
N LEU B 187 -21.77 7.36 -25.52
CA LEU B 187 -23.06 7.18 -26.19
C LEU B 187 -24.15 8.02 -25.51
N ILE B 188 -24.76 8.89 -26.30
CA ILE B 188 -25.96 9.63 -25.90
C ILE B 188 -26.50 10.46 -27.06
N ASN B 192 -31.55 11.69 -20.85
CA ASN B 192 -30.49 10.87 -20.27
C ASN B 192 -30.93 10.05 -19.02
N PRO B 193 -31.83 9.07 -19.22
CA PRO B 193 -32.25 8.19 -18.13
C PRO B 193 -31.07 7.34 -17.63
N PRO B 194 -31.10 6.92 -16.35
CA PRO B 194 -30.01 6.11 -15.83
C PRO B 194 -29.80 4.85 -16.67
N VAL B 195 -28.55 4.56 -17.01
CA VAL B 195 -28.21 3.36 -17.75
C VAL B 195 -27.86 2.29 -16.73
N SER B 196 -28.66 1.23 -16.72
CA SER B 196 -28.67 0.24 -15.65
C SER B 196 -27.90 -1.04 -16.00
N PHE B 197 -27.57 -1.18 -17.28
CA PHE B 197 -26.86 -2.35 -17.79
C PHE B 197 -26.28 -2.06 -19.17
N VAL B 198 -25.10 -2.61 -19.42
CA VAL B 198 -24.48 -2.52 -20.73
C VAL B 198 -23.55 -3.73 -20.97
N LYS B 199 -23.51 -4.21 -22.21
CA LYS B 199 -22.47 -5.14 -22.67
C LYS B 199 -22.29 -5.10 -24.18
N PHE B 200 -21.08 -5.44 -24.65
CA PHE B 200 -20.80 -5.61 -26.06
C PHE B 200 -21.53 -6.84 -26.61
N SER B 201 -21.91 -6.76 -27.89
CA SER B 201 -22.37 -7.93 -28.63
C SER B 201 -21.20 -8.88 -28.84
N PRO B 202 -21.47 -10.18 -29.08
CA PRO B 202 -20.40 -11.14 -29.34
C PRO B 202 -19.39 -10.65 -30.38
N ASN B 203 -19.85 -10.02 -31.48
CA ASN B 203 -18.94 -9.54 -32.52
C ASN B 203 -18.27 -8.19 -32.24
N GLY B 204 -18.59 -7.60 -31.09
CA GLY B 204 -17.97 -6.37 -30.64
C GLY B 204 -18.41 -5.10 -31.35
N LYS B 205 -19.29 -5.23 -32.34
CA LYS B 205 -19.76 -4.09 -33.12
C LYS B 205 -20.89 -3.34 -32.42
N TYR B 206 -21.68 -4.06 -31.62
CA TYR B 206 -22.86 -3.49 -30.97
C TYR B 206 -22.75 -3.45 -29.46
N ILE B 207 -23.60 -2.62 -28.86
CA ILE B 207 -23.72 -2.52 -27.41
C ILE B 207 -25.19 -2.62 -27.02
N LEU B 208 -25.51 -3.55 -26.13
CA LEU B 208 -26.85 -3.68 -25.58
C LEU B 208 -26.90 -2.91 -24.27
N ALA B 209 -27.81 -1.95 -24.20
CA ALA B 209 -27.91 -1.08 -23.02
C ALA B 209 -29.33 -1.02 -22.49
N ALA B 210 -29.46 -1.19 -21.18
CA ALA B 210 -30.74 -1.01 -20.50
C ALA B 210 -30.80 0.37 -19.88
N THR B 211 -31.97 0.98 -19.92
CA THR B 211 -32.22 2.24 -19.21
C THR B 211 -33.46 2.10 -18.33
N LEU B 212 -33.47 2.84 -17.21
CA LEU B 212 -34.56 2.76 -16.25
C LEU B 212 -35.82 3.50 -16.73
N ASP B 213 -36.17 3.25 -17.98
CA ASP B 213 -37.40 3.75 -18.58
C ASP B 213 -38.06 2.66 -19.41
N ASN B 214 -37.95 1.42 -18.91
CA ASN B 214 -38.58 0.22 -19.51
C ASN B 214 -38.10 -0.05 -20.94
N THR B 215 -36.81 0.19 -21.17
CA THR B 215 -36.27 0.16 -22.53
C THR B 215 -34.89 -0.47 -22.60
N LEU B 216 -34.74 -1.40 -23.54
CA LEU B 216 -33.45 -1.94 -23.95
C LEU B 216 -33.14 -1.41 -25.34
N LYS B 217 -31.89 -1.04 -25.56
CA LYS B 217 -31.45 -0.51 -26.85
C LYS B 217 -30.21 -1.24 -27.37
N LEU B 218 -30.23 -1.57 -28.65
CA LEU B 218 -29.03 -2.08 -29.32
C LEU B 218 -28.38 -0.94 -30.09
N TRP B 219 -27.19 -0.58 -29.65
CA TRP B 219 -26.46 0.54 -30.23
C TRP B 219 -25.38 0.05 -31.18
N ASP B 220 -25.25 0.74 -32.32
CA ASP B 220 -24.08 0.57 -33.14
C ASP B 220 -22.98 1.43 -32.52
N TYR B 221 -21.94 0.76 -32.03
CA TYR B 221 -20.82 1.42 -31.39
C TYR B 221 -20.07 2.36 -32.36
N SER B 222 -19.82 1.87 -33.57
CA SER B 222 -19.07 2.64 -34.58
C SER B 222 -19.77 3.97 -34.96
N LYS B 223 -21.07 3.91 -35.19
CA LYS B 223 -21.84 5.06 -35.65
C LYS B 223 -22.41 5.91 -34.52
N GLY B 224 -22.59 5.30 -33.34
CA GLY B 224 -23.21 5.97 -32.20
C GLY B 224 -24.70 6.17 -32.43
N LYS B 225 -25.31 5.19 -33.10
CA LYS B 225 -26.73 5.24 -33.44
C LYS B 225 -27.47 4.02 -32.91
N CYS B 226 -28.70 4.24 -32.44
CA CYS B 226 -29.56 3.17 -31.98
C CYS B 226 -30.13 2.41 -33.18
N LEU B 227 -29.97 1.09 -33.18
CA LEU B 227 -30.44 0.25 -34.29
C LEU B 227 -31.75 -0.43 -33.95
N LYS B 228 -31.88 -0.89 -32.71
CA LYS B 228 -33.05 -1.65 -32.28
C LYS B 228 -33.49 -1.23 -30.88
N THR B 229 -34.80 -1.36 -30.62
CA THR B 229 -35.37 -1.04 -29.33
C THR B 229 -36.27 -2.18 -28.87
N TYR B 230 -36.07 -2.63 -27.64
CA TYR B 230 -36.85 -3.73 -27.08
C TYR B 230 -37.63 -3.28 -25.86
N THR B 231 -38.96 -3.37 -25.95
CA THR B 231 -39.87 -2.90 -24.90
C THR B 231 -40.99 -3.90 -24.66
N GLY B 232 -41.84 -3.58 -23.68
CA GLY B 232 -42.96 -4.43 -23.28
C GLY B 232 -42.81 -4.91 -21.86
N HIS B 233 -41.57 -4.85 -21.34
CA HIS B 233 -41.27 -5.28 -19.98
C HIS B 233 -41.28 -4.08 -19.04
N LYS B 234 -41.06 -4.34 -17.75
CA LYS B 234 -41.04 -3.29 -16.72
C LYS B 234 -39.64 -3.16 -16.12
N ASN B 235 -39.05 -1.97 -16.26
CA ASN B 235 -37.71 -1.71 -15.74
C ASN B 235 -37.53 -0.22 -15.43
N GLU B 236 -37.87 0.14 -14.21
CA GLU B 236 -37.82 1.54 -13.73
C GLU B 236 -37.03 1.69 -12.43
N LYS B 237 -36.70 0.58 -11.77
CA LYS B 237 -36.12 0.63 -10.43
C LYS B 237 -34.79 -0.12 -10.26
N TYR B 238 -34.71 -1.33 -10.81
CA TYR B 238 -33.54 -2.18 -10.57
C TYR B 238 -32.62 -2.28 -11.77
N CYS B 239 -31.35 -2.51 -11.50
CA CYS B 239 -30.38 -2.74 -12.55
C CYS B 239 -30.45 -4.21 -12.95
N ILE B 240 -31.22 -4.45 -14.00
CA ILE B 240 -31.51 -5.80 -14.48
C ILE B 240 -30.58 -6.13 -15.66
N PHE B 241 -29.92 -7.28 -15.57
CA PHE B 241 -28.96 -7.75 -16.57
C PHE B 241 -29.70 -8.16 -17.83
N ALA B 242 -29.02 -8.12 -18.97
CA ALA B 242 -29.59 -8.65 -20.20
C ALA B 242 -28.57 -9.51 -20.94
N ASN B 243 -29.05 -10.32 -21.89
CA ASN B 243 -28.18 -11.24 -22.63
C ASN B 243 -28.45 -11.24 -24.13
N PHE B 244 -27.41 -11.59 -24.87
CA PHE B 244 -27.54 -12.07 -26.24
C PHE B 244 -27.62 -13.59 -26.14
N SER B 245 -28.75 -14.17 -26.52
CA SER B 245 -28.86 -15.63 -26.62
C SER B 245 -28.47 -16.05 -28.04
N VAL B 246 -27.44 -16.89 -28.16
CA VAL B 246 -26.81 -17.17 -29.45
C VAL B 246 -26.70 -18.66 -29.83
N THR B 247 -27.08 -19.54 -28.91
CA THR B 247 -26.93 -20.99 -29.13
C THR B 247 -27.95 -21.58 -30.10
N GLY B 248 -29.12 -20.94 -30.18
CA GLY B 248 -30.18 -21.34 -31.11
C GLY B 248 -30.59 -20.12 -31.91
N GLY B 249 -31.87 -19.75 -31.81
CA GLY B 249 -32.36 -18.52 -32.40
C GLY B 249 -31.68 -17.33 -31.73
N LYS B 250 -31.51 -16.24 -32.48
CA LYS B 250 -30.83 -15.06 -31.97
C LYS B 250 -31.79 -14.17 -31.21
N TRP B 251 -31.73 -14.25 -29.88
CA TRP B 251 -32.65 -13.51 -29.01
C TRP B 251 -31.97 -12.45 -28.15
N ILE B 252 -32.80 -11.58 -27.58
CA ILE B 252 -32.42 -10.74 -26.45
C ILE B 252 -33.19 -11.27 -25.26
N VAL B 253 -32.50 -11.46 -24.14
CA VAL B 253 -33.09 -12.00 -22.93
C VAL B 253 -32.92 -10.97 -21.81
N SER B 254 -33.96 -10.79 -21.01
CA SER B 254 -33.90 -9.90 -19.85
C SER B 254 -34.95 -10.25 -18.78
N GLY B 255 -34.57 -10.06 -17.53
CA GLY B 255 -35.53 -10.07 -16.44
C GLY B 255 -36.44 -8.85 -16.49
N SER B 256 -37.40 -8.80 -15.57
CA SER B 256 -38.37 -7.72 -15.56
C SER B 256 -38.96 -7.56 -14.16
N GLU B 257 -39.47 -6.36 -13.89
CA GLU B 257 -40.05 -6.03 -12.59
C GLU B 257 -41.49 -6.53 -12.43
N ASP B 258 -42.05 -7.13 -13.47
CA ASP B 258 -43.32 -7.85 -13.37
C ASP B 258 -43.11 -9.36 -13.15
N ASN B 259 -41.91 -9.71 -12.67
CA ASN B 259 -41.53 -11.07 -12.28
C ASN B 259 -41.39 -12.07 -13.44
N LEU B 260 -41.33 -11.56 -14.66
CA LEU B 260 -41.21 -12.39 -15.86
C LEU B 260 -39.83 -12.29 -16.49
N VAL B 261 -39.43 -13.35 -17.20
CA VAL B 261 -38.29 -13.29 -18.11
C VAL B 261 -38.81 -13.02 -19.52
N TYR B 262 -38.33 -11.93 -20.12
CA TYR B 262 -38.71 -11.57 -21.48
C TYR B 262 -37.66 -12.03 -22.48
N ILE B 263 -38.13 -12.49 -23.63
CA ILE B 263 -37.27 -12.90 -24.73
C ILE B 263 -37.78 -12.26 -26.03
N TRP B 264 -36.89 -11.52 -26.70
CA TRP B 264 -37.21 -10.82 -27.94
C TRP B 264 -36.45 -11.41 -29.12
N ASN B 265 -37.04 -11.30 -30.31
CA ASN B 265 -36.32 -11.48 -31.56
C ASN B 265 -35.41 -10.25 -31.72
N LEU B 266 -34.11 -10.50 -31.90
CA LEU B 266 -33.12 -9.42 -31.99
C LEU B 266 -33.37 -8.49 -33.18
N GLN B 267 -33.73 -9.06 -34.33
CA GLN B 267 -33.86 -8.29 -35.56
C GLN B 267 -35.18 -7.55 -35.70
N THR B 268 -36.28 -8.21 -35.32
CA THR B 268 -37.62 -7.67 -35.52
C THR B 268 -38.11 -6.89 -34.30
N LYS B 269 -37.41 -7.07 -33.18
CA LYS B 269 -37.75 -6.42 -31.89
C LYS B 269 -39.04 -6.93 -31.26
N GLU B 270 -39.65 -7.93 -31.88
CA GLU B 270 -40.88 -8.53 -31.37
C GLU B 270 -40.59 -9.43 -30.18
N ILE B 271 -41.46 -9.40 -29.18
CA ILE B 271 -41.39 -10.36 -28.07
C ILE B 271 -41.75 -11.74 -28.62
N VAL B 272 -40.95 -12.74 -28.27
CA VAL B 272 -41.18 -14.11 -28.75
C VAL B 272 -41.54 -15.09 -27.64
N GLN B 273 -41.23 -14.73 -26.40
CA GLN B 273 -41.60 -15.54 -25.23
C GLN B 273 -41.53 -14.74 -23.92
N LYS B 274 -42.35 -15.16 -22.95
CA LYS B 274 -42.37 -14.57 -21.62
C LYS B 274 -42.43 -15.71 -20.60
N LEU B 275 -41.40 -15.81 -19.76
CA LEU B 275 -41.30 -16.93 -18.82
C LEU B 275 -41.88 -16.60 -17.46
N GLN B 276 -42.97 -17.29 -17.13
CA GLN B 276 -43.68 -17.12 -15.87
C GLN B 276 -43.21 -18.13 -14.82
N GLY B 277 -43.07 -17.67 -13.57
CA GLY B 277 -42.69 -18.55 -12.47
C GLY B 277 -42.13 -17.87 -11.24
N HIS B 278 -41.30 -16.83 -11.44
CA HIS B 278 -40.69 -16.13 -10.32
C HIS B 278 -41.72 -15.29 -9.55
N THR B 279 -41.46 -15.08 -8.26
CA THR B 279 -42.38 -14.36 -7.37
C THR B 279 -41.84 -13.00 -6.88
N ASP B 280 -40.80 -12.51 -7.55
CA ASP B 280 -40.27 -11.17 -7.33
C ASP B 280 -39.51 -10.74 -8.59
N VAL B 281 -38.96 -9.53 -8.57
CA VAL B 281 -38.22 -8.97 -9.70
C VAL B 281 -37.14 -9.95 -10.13
N VAL B 282 -37.11 -10.25 -11.44
CA VAL B 282 -36.03 -11.05 -12.01
C VAL B 282 -34.90 -10.09 -12.37
N ILE B 283 -33.89 -10.04 -11.50
CA ILE B 283 -32.80 -9.06 -11.65
C ILE B 283 -31.68 -9.58 -12.56
N SER B 284 -31.57 -10.90 -12.70
CA SER B 284 -30.47 -11.49 -13.46
C SER B 284 -30.90 -12.68 -14.29
N THR B 285 -30.36 -12.73 -15.51
CA THR B 285 -30.53 -13.86 -16.41
C THR B 285 -29.17 -14.17 -17.02
N ALA B 286 -28.97 -15.43 -17.37
CA ALA B 286 -27.74 -15.88 -18.03
C ALA B 286 -28.09 -16.93 -19.07
N CYS B 287 -27.29 -16.96 -20.14
CA CYS B 287 -27.47 -17.93 -21.21
C CYS B 287 -26.30 -18.91 -21.25
N HIS B 288 -26.61 -20.20 -21.29
CA HIS B 288 -25.58 -21.24 -21.31
C HIS B 288 -24.71 -21.12 -22.57
N PRO B 289 -23.40 -21.40 -22.45
CA PRO B 289 -22.50 -21.19 -23.59
C PRO B 289 -22.69 -22.11 -24.81
N THR B 290 -23.30 -23.28 -24.62
CA THR B 290 -23.48 -24.23 -25.74
C THR B 290 -24.92 -24.70 -25.93
N GLU B 291 -25.66 -24.81 -24.83
CA GLU B 291 -27.03 -25.31 -24.87
C GLU B 291 -28.03 -24.18 -24.78
N ASN B 292 -29.23 -24.40 -25.35
CA ASN B 292 -30.34 -23.47 -25.22
C ASN B 292 -30.92 -23.55 -23.81
N ILE B 293 -30.14 -23.08 -22.84
CA ILE B 293 -30.50 -23.11 -21.44
C ILE B 293 -30.38 -21.69 -20.87
N ILE B 294 -31.41 -21.26 -20.14
CA ILE B 294 -31.39 -19.97 -19.44
C ILE B 294 -31.45 -20.17 -17.93
N ALA B 295 -30.67 -19.36 -17.20
CA ALA B 295 -30.81 -19.27 -15.76
C ALA B 295 -31.37 -17.90 -15.44
N SER B 296 -32.31 -17.86 -14.48
CA SER B 296 -32.93 -16.62 -14.04
C SER B 296 -32.92 -16.56 -12.52
N ALA B 297 -32.80 -15.35 -11.96
CA ALA B 297 -32.72 -15.18 -10.51
C ALA B 297 -33.51 -13.97 -10.02
N ALA B 298 -34.07 -14.08 -8.82
CA ALA B 298 -35.03 -13.10 -8.33
C ALA B 298 -34.72 -12.54 -6.94
N LEU B 299 -35.39 -11.44 -6.60
CA LEU B 299 -35.15 -10.71 -5.36
C LEU B 299 -35.82 -11.36 -4.13
N GLU B 300 -35.81 -10.64 -3.01
CA GLU B 300 -36.03 -11.28 -1.69
C GLU B 300 -37.40 -11.92 -1.42
N ASN B 301 -38.42 -11.60 -2.22
CA ASN B 301 -39.71 -12.30 -2.10
C ASN B 301 -39.70 -13.65 -2.81
N ASP B 302 -38.52 -14.06 -3.29
CA ASP B 302 -38.37 -15.27 -4.08
C ASP B 302 -37.09 -16.00 -3.68
N LYS B 303 -35.95 -15.36 -3.95
CA LYS B 303 -34.62 -15.84 -3.54
C LYS B 303 -34.17 -17.13 -4.26
N THR B 304 -34.89 -17.53 -5.31
CA THR B 304 -34.52 -18.74 -6.04
C THR B 304 -33.94 -18.43 -7.42
N ILE B 305 -33.22 -19.43 -7.95
CA ILE B 305 -32.71 -19.43 -9.31
C ILE B 305 -33.50 -20.49 -10.07
N LYS B 306 -33.92 -20.15 -11.28
CA LYS B 306 -34.61 -21.12 -12.13
C LYS B 306 -33.82 -21.47 -13.39
N LEU B 307 -33.85 -22.75 -13.75
CA LEU B 307 -33.20 -23.25 -14.96
C LEU B 307 -34.24 -23.69 -15.99
N TRP B 308 -34.11 -23.17 -17.20
CA TRP B 308 -35.07 -23.38 -18.28
C TRP B 308 -34.38 -23.99 -19.50
N LYS B 309 -35.14 -24.73 -20.30
CA LYS B 309 -34.61 -25.37 -21.52
C LYS B 309 -35.53 -25.17 -22.73
N SER B 310 -34.94 -24.82 -23.86
CA SER B 310 -35.66 -24.67 -25.14
C SER B 310 -35.11 -25.62 -26.20
N ASP B 311 -35.98 -26.01 -27.14
CA ASP B 311 -35.57 -26.84 -28.27
C ASP B 311 -34.89 -26.03 -29.37
N CYS B 312 -35.02 -24.70 -29.30
CA CYS B 312 -34.38 -23.79 -30.26
C CYS B 312 -34.07 -22.43 -29.64
CAO 0BW C . 22.80 14.04 20.44
CAM 0BW C . 22.95 12.58 19.95
NBA 0BW C . 21.67 11.89 19.78
CAC 0BW C . 21.94 10.49 19.40
CAN 0BW C . 20.90 11.88 21.03
CAP 0BW C . 20.54 13.30 21.45
NBB 0BW C . 21.70 14.22 21.44
CAZ 0BW C . 21.59 15.40 22.11
CAJ 0BW C . 21.80 16.58 21.38
CAI 0BW C . 21.67 17.85 21.96
CAX 0BW C . 21.30 17.97 23.30
CAU 0BW C . 21.13 19.23 23.90
OAE 0BW C . 20.69 19.35 25.06
OAR 0BW C . 21.42 20.30 23.11
CAA 0BW C . 21.10 21.57 23.74
CAL 0BW C . 21.07 16.81 24.04
CAY 0BW C . 21.19 15.54 23.47
NAQ 0BW C . 20.99 14.45 24.24
CAT 0BW C . 19.73 14.06 24.58
OAD 0BW C . 18.71 14.61 24.15
CAW 0BW C . 19.63 12.97 25.47
CAK 0BW C . 20.60 12.74 26.48
CAH 0BW C . 18.55 12.10 25.37
CAF 0BW C . 18.40 11.03 26.24
CAG 0BW C . 19.35 10.80 27.23
CAV 0BW C . 20.45 11.65 27.36
OAS 0BW C . 21.34 11.36 28.36
CAB 0BW C . 22.44 12.26 28.56
C1 EDO D . 17.86 13.44 -4.25
O1 EDO D . 17.34 13.77 -5.53
C2 EDO D . 19.24 12.80 -4.42
O2 EDO D . 19.10 11.49 -4.98
C1 EDO E . 18.18 27.81 21.12
O1 EDO E . 19.10 28.32 20.15
C2 EDO E . 18.87 27.64 22.46
O2 EDO E . 20.08 26.88 22.32
CL CL F . 23.93 8.18 -1.30
CL CL G . 21.75 3.97 10.45
CL CL H . 40.64 16.26 4.88
CL CL I . 31.80 14.09 0.42
S SO4 J . 25.66 6.43 11.75
O1 SO4 J . 25.99 5.39 12.72
O2 SO4 J . 26.50 7.61 11.94
O3 SO4 J . 25.87 5.91 10.39
O4 SO4 J . 24.26 6.80 11.92
S SO4 K . 30.61 7.96 -6.84
O1 SO4 K . 31.16 6.80 -7.51
O2 SO4 K . 29.53 7.55 -5.95
O3 SO4 K . 31.66 8.62 -6.07
O4 SO4 K . 30.09 8.89 -7.84
UNK UNX L . 48.16 12.78 19.78
UNK UNX M . 17.18 12.49 29.84
UNK UNX N . 22.30 15.77 28.13
UNK UNX O . 8.53 19.20 -1.32
UNK UNX P . 6.18 18.44 9.70
UNK UNX Q . 13.28 3.08 -3.60
UNK UNX R . 21.90 20.55 28.01
UNK UNX S . 30.80 -10.15 23.33
UNK UNX T . 27.81 26.97 31.22
UNK UNX U . 34.07 -11.13 21.77
UNK UNX V . 31.76 29.67 20.79
UNK UNX W . 23.98 3.33 -0.60
UNK UNX X . 25.32 2.47 1.51
UNK UNX Y . 22.57 32.32 22.25
UNK UNX Z . 18.32 -2.93 34.14
UNK UNX AA . 29.14 26.32 -5.48
UNK UNX BA . 29.54 6.08 37.77
CAO 0BW CA . -25.18 -4.70 -10.66
CAM 0BW CA . -24.88 -6.13 -11.16
NBA 0BW CA . -26.08 -6.96 -11.34
CAC 0BW CA . -25.65 -8.33 -11.70
CAN 0BW CA . -26.87 -7.03 -10.10
CAP 0BW CA . -27.37 -5.65 -9.69
NBB 0BW CA . -26.30 -4.61 -9.69
CAZ 0BW CA . -26.51 -3.44 -9.00
CAJ 0BW CA . -26.35 -2.25 -9.73
CAI 0BW CA . -26.57 -0.99 -9.14
CAX 0BW CA . -26.97 -0.90 -7.80
CAU 0BW CA . -27.20 0.36 -7.21
OAE 0BW CA . -27.65 0.45 -6.06
OAR 0BW CA . -26.92 1.44 -8.00
CAA 0BW CA . -27.26 2.70 -7.40
CAL 0BW CA . -27.14 -2.07 -7.08
CAY 0BW CA . -26.93 -3.35 -7.66
NAQ 0BW CA . -27.09 -4.45 -6.89
CAT 0BW CA . -28.34 -4.89 -6.60
OAD 0BW CA . -29.36 -4.36 -7.05
CAW 0BW CA . -28.42 -5.99 -5.73
CAK 0BW CA . -27.48 -6.20 -4.71
CAH 0BW CA . -29.48 -6.89 -5.85
CAF 0BW CA . -29.59 -7.99 -4.98
CAG 0BW CA . -28.64 -8.19 -3.98
CAV 0BW CA . -27.59 -7.29 -3.83
OAS 0BW CA . -26.68 -7.54 -2.82
CAB 0BW CA . -25.79 -6.47 -2.50
C1 EDO DA . -6.09 -21.04 -11.66
O1 EDO DA . -6.32 -22.43 -11.46
C2 EDO DA . -5.99 -20.77 -13.17
O2 EDO DA . -6.86 -19.70 -13.54
C1 EDO EA . -27.85 -5.94 -35.50
O1 EDO EA . -27.85 -7.23 -36.11
C2 EDO EA . -28.25 -4.88 -36.54
O2 EDO EA . -29.62 -5.05 -36.88
C1 EDO FA . -33.25 -16.61 -35.48
O1 EDO FA . -32.17 -15.66 -35.49
C2 EDO FA . -34.52 -15.95 -34.97
O2 EDO FA . -35.66 -16.58 -35.57
C1 EDO GA . -33.61 5.11 -9.36
O1 EDO GA . -33.59 5.50 -10.74
C2 EDO GA . -33.97 3.63 -9.26
O2 EDO GA . -32.79 2.82 -9.24
C1 EDO HA . -3.17 -2.56 -18.80
O1 EDO HA . -3.84 -3.05 -19.97
C2 EDO HA . -4.19 -1.90 -17.87
O2 EDO HA . -4.79 -0.79 -18.54
C1 EDO IA . -29.91 8.82 -10.70
O1 EDO IA . -29.33 9.72 -11.65
C2 EDO IA . -29.27 8.99 -9.34
O2 EDO IA . -28.28 7.97 -9.11
CL CL JA . -8.43 -17.98 -17.69
CL CL KA . -20.87 -8.44 -14.89
S SO4 LA . -21.44 -12.07 -19.41
O1 SO4 LA . -22.08 -12.24 -18.11
O2 SO4 LA . -20.52 -10.94 -19.37
O3 SO4 LA . -20.70 -13.28 -19.76
O4 SO4 LA . -22.46 -11.84 -20.42
UNK UNX MA . -6.03 4.12 -4.43
UNK UNX NA . -9.50 -29.73 -8.50
UNK UNX OA . -32.73 -6.02 -3.42
UNK UNX PA . -45.00 1.39 -11.39
UNK UNX QA . -2.25 -12.75 -1.60
UNK UNX RA . -46.88 -7.85 -25.73
UNK UNX SA . -44.50 4.64 -11.36
UNK UNX TA . -14.06 11.01 -19.75
UNK UNX UA . -3.10 -8.91 -23.07
UNK UNX VA . -16.96 -26.44 -8.34
UNK UNX WA . -22.88 -10.22 -32.48
UNK UNX XA . -30.36 -18.60 -35.67
#